data_3UZE
#
_entry.id   3UZE
#
_cell.length_a   54.055
_cell.length_b   74.670
_cell.length_c   86.888
_cell.angle_alpha   90.000
_cell.angle_beta   104.490
_cell.angle_gamma   90.000
#
_symmetry.space_group_name_H-M   'P 1 21 1'
#
loop_
_entity.id
_entity.type
_entity.pdbx_description
1 polymer 'Variable domains of murine anti-dengue Mab 4E11'
2 polymer 'Envelope protein'
3 non-polymer 1,2-ETHANEDIOL
4 non-polymer GLYCEROL
5 non-polymer '4-(2-HYDROXYETHYL)-1-PIPERAZINE ETHANESULFONIC ACID'
6 water water
#
loop_
_entity_poly.entity_id
_entity_poly.type
_entity_poly.pdbx_seq_one_letter_code
_entity_poly.pdbx_strand_id
1 'polypeptide(L)'
;EVKLLEQSGAELVKPGASVRLSCTASGFNIKDTYMSWVKQRPEQGLEWIGRIDPANGDTKYDPKFQGKATITADTSSNTA
YLHLSSLTSGDTAVYYCSRGWEGFAYWGQGTLVTVSAGGGGSGGGGSGGGGSELVMTQTPASLAVSLGQRATISCRASEN
VDRYGNSFMHWYQQKAGQPPKLLIYRASNLESGIPARFSGSGSRTDFTLTINPVEADDVATYFCQRSNEVPWTFGGGTKL
EIKRPLEHHHHHH
;
A,B
2 'polypeptide(L)'
;KGMSYAMCLNTFVLKKEVSETQHGTILIKVEYKGEDAPCKIPFSTEDGQGKAHNGRLITANPVVTKKEEPVNIEAEPPFG
ESNIVIGIGDKALKINWYRKGPFEDDDDKAGWSHPQFEKGGGSGGGSGGGSWSHPQFEK
;
C,D
#
loop_
_chem_comp.id
_chem_comp.type
_chem_comp.name
_chem_comp.formula
EDO non-polymer 1,2-ETHANEDIOL 'C2 H6 O2'
EPE non-polymer '4-(2-HYDROXYETHYL)-1-PIPERAZINE ETHANESULFONIC ACID' 'C8 H18 N2 O4 S'
GOL non-polymer GLYCEROL 'C3 H8 O3'
#
# COMPACT_ATOMS: atom_id res chain seq x y z
N VAL A 2 15.43 -26.08 0.46
CA VAL A 2 16.27 -24.96 0.88
C VAL A 2 15.52 -23.62 0.81
N LYS A 3 16.21 -22.50 0.44
CA LYS A 3 15.63 -21.17 0.30
C LYS A 3 14.65 -21.20 -0.87
N LEU A 4 13.36 -20.88 -0.59
CA LEU A 4 12.29 -20.97 -1.59
C LEU A 4 11.21 -19.89 -1.43
N LEU A 5 10.67 -19.43 -2.58
CA LEU A 5 9.57 -18.46 -2.64
C LEU A 5 8.37 -19.15 -3.27
N GLU A 6 7.37 -19.50 -2.43
CA GLU A 6 6.18 -20.23 -2.84
C GLU A 6 4.98 -19.31 -3.07
N GLN A 7 4.54 -19.23 -4.33
CA GLN A 7 3.42 -18.38 -4.74
C GLN A 7 2.12 -19.16 -4.81
N SER A 8 1.00 -18.46 -4.61
CA SER A 8 -0.35 -19.02 -4.67
C SER A 8 -0.75 -19.39 -6.12
N GLY A 9 -1.75 -20.25 -6.25
CA GLY A 9 -2.23 -20.77 -7.53
C GLY A 9 -2.85 -19.73 -8.46
N ALA A 10 -3.05 -20.13 -9.74
CA ALA A 10 -3.62 -19.30 -10.80
C ALA A 10 -4.97 -18.71 -10.46
N GLU A 11 -5.22 -17.46 -10.88
CA GLU A 11 -6.47 -16.76 -10.60
C GLU A 11 -7.26 -16.42 -11.87
N LEU A 12 -8.56 -16.74 -11.87
CA LEU A 12 -9.49 -16.40 -12.95
C LEU A 12 -10.51 -15.45 -12.32
N VAL A 13 -10.30 -14.15 -12.57
CA VAL A 13 -11.09 -13.07 -11.99
C VAL A 13 -11.93 -12.31 -13.01
N LYS A 14 -13.09 -11.80 -12.56
CA LYS A 14 -14.03 -11.01 -13.36
C LYS A 14 -13.52 -9.57 -13.51
N PRO A 15 -13.83 -8.83 -14.60
CA PRO A 15 -13.38 -7.42 -14.68
C PRO A 15 -14.07 -6.57 -13.63
N GLY A 16 -13.33 -5.61 -13.07
CA GLY A 16 -13.83 -4.71 -12.03
C GLY A 16 -13.64 -5.24 -10.61
N ALA A 17 -13.40 -6.54 -10.46
CA ALA A 17 -13.18 -7.19 -9.17
C ALA A 17 -11.75 -6.97 -8.65
N SER A 18 -11.44 -7.50 -7.45
CA SER A 18 -10.12 -7.41 -6.82
C SER A 18 -9.50 -8.80 -6.66
N VAL A 19 -8.17 -8.84 -6.48
CA VAL A 19 -7.44 -10.08 -6.28
C VAL A 19 -6.25 -9.89 -5.33
N ARG A 20 -5.99 -10.91 -4.49
CA ARG A 20 -4.86 -10.93 -3.57
C ARG A 20 -4.01 -12.16 -3.88
N LEU A 21 -2.72 -11.94 -4.13
CA LEU A 21 -1.76 -13.02 -4.40
C LEU A 21 -0.78 -13.11 -3.25
N SER A 22 -0.33 -14.32 -2.91
CA SER A 22 0.60 -14.51 -1.80
C SER A 22 1.96 -15.04 -2.25
N CYS A 23 2.99 -14.76 -1.45
CA CYS A 23 4.36 -15.20 -1.68
C CYS A 23 4.93 -15.66 -0.34
N THR A 24 4.86 -16.98 -0.08
CA THR A 24 5.37 -17.57 1.16
C THR A 24 6.86 -17.83 1.07
N ALA A 25 7.62 -17.22 1.98
CA ALA A 25 9.07 -17.35 2.06
C ALA A 25 9.45 -18.47 3.03
N SER A 26 10.30 -19.40 2.59
CA SER A 26 10.78 -20.51 3.41
C SER A 26 12.29 -20.65 3.27
N GLY A 27 12.95 -20.91 4.39
CA GLY A 27 14.40 -21.05 4.45
C GLY A 27 15.13 -19.77 4.82
N PHE A 28 14.37 -18.67 5.02
CA PHE A 28 14.89 -17.35 5.40
C PHE A 28 13.81 -16.46 6.03
N ASN A 29 14.24 -15.42 6.76
CA ASN A 29 13.38 -14.43 7.40
C ASN A 29 13.01 -13.38 6.34
N ILE A 30 11.71 -13.13 6.14
CA ILE A 30 11.23 -12.16 5.15
C ILE A 30 11.69 -10.70 5.45
N LYS A 31 12.00 -10.42 6.73
CA LYS A 31 12.47 -9.13 7.23
C LYS A 31 13.94 -8.81 6.89
N ASP A 32 14.78 -9.84 6.58
CA ASP A 32 16.21 -9.69 6.28
CA ASP A 32 16.21 -9.63 6.30
C ASP A 32 16.54 -8.83 5.04
N THR A 33 15.63 -8.81 4.06
CA THR A 33 15.82 -8.03 2.82
C THR A 33 14.48 -7.55 2.26
N TYR A 34 14.52 -6.86 1.11
CA TYR A 34 13.33 -6.35 0.47
C TYR A 34 12.61 -7.42 -0.35
N MET A 35 11.28 -7.25 -0.53
CA MET A 35 10.43 -8.14 -1.32
CA MET A 35 10.46 -8.15 -1.33
C MET A 35 9.76 -7.34 -2.41
N SER A 36 10.01 -7.70 -3.67
CA SER A 36 9.42 -7.03 -4.82
C SER A 36 8.38 -7.89 -5.52
N TRP A 37 7.50 -7.24 -6.28
CA TRP A 37 6.50 -7.88 -7.11
C TRP A 37 6.75 -7.39 -8.54
N VAL A 38 6.79 -8.33 -9.50
CA VAL A 38 7.08 -8.05 -10.91
C VAL A 38 5.94 -8.56 -11.79
N LYS A 39 5.46 -7.71 -12.71
CA LYS A 39 4.39 -8.04 -13.65
C LYS A 39 4.97 -8.36 -15.03
N GLN A 40 4.46 -9.43 -15.67
CA GLN A 40 4.86 -9.80 -17.02
C GLN A 40 3.65 -10.24 -17.84
N ARG A 41 3.18 -9.35 -18.72
CA ARG A 41 2.07 -9.63 -19.64
C ARG A 41 2.53 -10.67 -20.68
N PRO A 42 1.64 -11.57 -21.20
CA PRO A 42 2.11 -12.58 -22.16
C PRO A 42 2.88 -11.99 -23.33
N GLU A 43 4.08 -12.57 -23.60
CA GLU A 43 5.04 -12.19 -24.66
C GLU A 43 5.63 -10.77 -24.50
N GLN A 44 5.53 -10.20 -23.27
CA GLN A 44 6.03 -8.85 -22.97
CA GLN A 44 6.03 -8.85 -22.97
C GLN A 44 7.17 -8.87 -21.95
N GLY A 45 7.73 -7.68 -21.66
CA GLY A 45 8.83 -7.51 -20.72
C GLY A 45 8.45 -7.50 -19.25
N LEU A 46 9.47 -7.49 -18.39
CA LEU A 46 9.32 -7.46 -16.94
C LEU A 46 9.01 -6.03 -16.47
N GLU A 47 8.00 -5.89 -15.61
CA GLU A 47 7.57 -4.60 -15.07
C GLU A 47 7.63 -4.64 -13.55
N TRP A 48 8.56 -3.87 -12.96
CA TRP A 48 8.69 -3.78 -11.51
C TRP A 48 7.49 -2.99 -10.97
N ILE A 49 6.69 -3.64 -10.10
CA ILE A 49 5.49 -3.03 -9.52
C ILE A 49 5.90 -2.15 -8.34
N GLY A 50 6.59 -2.76 -7.39
CA GLY A 50 7.05 -2.11 -6.17
C GLY A 50 7.81 -3.03 -5.26
N ARG A 51 8.20 -2.52 -4.08
CA ARG A 51 8.94 -3.29 -3.08
C ARG A 51 8.51 -2.94 -1.66
N ILE A 52 8.63 -3.92 -0.76
CA ILE A 52 8.33 -3.73 0.65
C ILE A 52 9.54 -4.11 1.49
N ASP A 53 9.75 -3.36 2.58
CA ASP A 53 10.76 -3.63 3.59
C ASP A 53 9.90 -4.16 4.76
N PRO A 54 9.79 -5.51 4.93
CA PRO A 54 8.92 -6.05 5.99
C PRO A 54 9.28 -5.72 7.44
N ALA A 55 10.52 -5.24 7.70
CA ALA A 55 10.95 -4.87 9.05
C ALA A 55 10.28 -3.59 9.56
N ASN A 56 9.97 -2.65 8.64
CA ASN A 56 9.34 -1.38 8.99
C ASN A 56 8.03 -1.10 8.21
N GLY A 57 7.67 -2.00 7.28
CA GLY A 57 6.47 -1.88 6.47
C GLY A 57 6.52 -0.83 5.37
N ASP A 58 7.71 -0.24 5.10
CA ASP A 58 7.89 0.77 4.06
C ASP A 58 7.62 0.19 2.68
N THR A 59 6.78 0.87 1.90
CA THR A 59 6.42 0.47 0.54
C THR A 59 6.77 1.54 -0.46
N LYS A 60 7.25 1.12 -1.64
CA LYS A 60 7.59 2.00 -2.75
C LYS A 60 7.06 1.35 -4.00
N TYR A 61 6.43 2.13 -4.89
CA TYR A 61 5.82 1.62 -6.12
C TYR A 61 6.27 2.41 -7.33
N ASP A 62 6.18 1.80 -8.52
CA ASP A 62 6.43 2.48 -9.78
C ASP A 62 5.17 3.35 -9.95
N PRO A 63 5.26 4.65 -10.34
CA PRO A 63 4.05 5.49 -10.46
C PRO A 63 2.94 4.93 -11.36
N LYS A 64 3.29 4.04 -12.31
CA LYS A 64 2.35 3.39 -13.22
C LYS A 64 1.41 2.41 -12.51
N PHE A 65 1.81 1.92 -11.32
CA PHE A 65 1.02 1.00 -10.51
C PHE A 65 0.32 1.65 -9.31
N GLN A 66 0.42 2.98 -9.19
CA GLN A 66 -0.24 3.74 -8.13
C GLN A 66 -1.73 3.79 -8.43
N GLY A 67 -2.55 3.30 -7.50
CA GLY A 67 -3.99 3.22 -7.65
C GLY A 67 -4.45 1.89 -8.20
N LYS A 68 -3.49 0.99 -8.47
CA LYS A 68 -3.76 -0.35 -9.01
C LYS A 68 -3.23 -1.42 -8.05
N ALA A 69 -1.95 -1.31 -7.67
CA ALA A 69 -1.29 -2.29 -6.81
C ALA A 69 -1.03 -1.81 -5.39
N THR A 70 -1.11 -2.76 -4.46
CA THR A 70 -0.86 -2.58 -3.02
C THR A 70 -0.05 -3.78 -2.53
N ILE A 71 1.06 -3.52 -1.83
CA ILE A 71 1.93 -4.58 -1.32
C ILE A 71 1.92 -4.56 0.22
N THR A 72 1.70 -5.73 0.83
CA THR A 72 1.74 -5.93 2.28
C THR A 72 2.62 -7.12 2.63
N ALA A 73 2.99 -7.24 3.91
CA ALA A 73 3.79 -8.36 4.42
C ALA A 73 3.25 -8.81 5.76
N ASP A 74 3.25 -10.12 5.99
CA ASP A 74 2.83 -10.74 7.24
C ASP A 74 4.08 -11.41 7.81
N THR A 75 4.67 -10.76 8.83
CA THR A 75 5.91 -11.23 9.48
C THR A 75 5.71 -12.40 10.45
N SER A 76 4.45 -12.76 10.75
CA SER A 76 4.14 -13.90 11.62
C SER A 76 4.07 -15.19 10.78
N SER A 77 3.65 -15.08 9.51
CA SER A 77 3.53 -16.20 8.58
C SER A 77 4.64 -16.22 7.51
N ASN A 78 5.56 -15.21 7.53
CA ASN A 78 6.69 -15.04 6.60
C ASN A 78 6.21 -14.97 5.14
N THR A 79 5.12 -14.21 4.91
CA THR A 79 4.45 -14.09 3.62
C THR A 79 4.33 -12.63 3.14
N ALA A 80 4.48 -12.42 1.83
CA ALA A 80 4.31 -11.12 1.17
C ALA A 80 3.04 -11.21 0.32
N TYR A 81 2.31 -10.10 0.18
CA TYR A 81 1.06 -10.08 -0.59
C TYR A 81 1.01 -8.98 -1.62
N LEU A 82 0.35 -9.27 -2.76
CA LEU A 82 0.09 -8.29 -3.81
C LEU A 82 -1.42 -8.18 -3.98
N HIS A 83 -1.94 -6.96 -3.85
CA HIS A 83 -3.36 -6.64 -3.97
C HIS A 83 -3.57 -5.84 -5.24
N LEU A 84 -4.46 -6.32 -6.11
CA LEU A 84 -4.78 -5.63 -7.36
C LEU A 84 -6.23 -5.20 -7.35
N SER A 85 -6.49 -3.91 -7.59
CA SER A 85 -7.83 -3.31 -7.58
C SER A 85 -8.42 -3.11 -8.97
N SER A 86 -9.78 -3.07 -9.04
CA SER A 86 -10.60 -2.84 -10.25
C SER A 86 -9.95 -3.39 -11.52
N LEU A 87 -9.82 -4.73 -11.58
CA LEU A 87 -9.15 -5.46 -12.65
C LEU A 87 -9.71 -5.26 -14.05
N THR A 88 -8.82 -5.08 -15.04
CA THR A 88 -9.14 -4.91 -16.46
C THR A 88 -8.31 -5.93 -17.24
N SER A 89 -8.55 -6.06 -18.57
CA SER A 89 -7.82 -6.99 -19.45
C SER A 89 -6.30 -6.70 -19.46
N GLY A 90 -5.93 -5.46 -19.17
CA GLY A 90 -4.54 -5.01 -19.09
C GLY A 90 -3.78 -5.60 -17.92
N ASP A 91 -4.50 -6.18 -16.94
CA ASP A 91 -3.94 -6.81 -15.74
C ASP A 91 -3.66 -8.30 -15.93
N THR A 92 -4.15 -8.89 -17.04
CA THR A 92 -3.90 -10.29 -17.37
C THR A 92 -2.40 -10.44 -17.59
N ALA A 93 -1.73 -11.16 -16.66
CA ALA A 93 -0.29 -11.34 -16.66
C ALA A 93 0.14 -12.39 -15.65
N VAL A 94 1.44 -12.73 -15.67
CA VAL A 94 2.07 -13.61 -14.69
C VAL A 94 2.73 -12.65 -13.70
N TYR A 95 2.42 -12.81 -12.41
CA TYR A 95 2.98 -11.95 -11.37
C TYR A 95 3.98 -12.72 -10.54
N TYR A 96 5.21 -12.20 -10.45
CA TYR A 96 6.30 -12.83 -9.70
C TYR A 96 6.65 -12.06 -8.46
N CYS A 97 6.96 -12.77 -7.38
CA CYS A 97 7.48 -12.13 -6.18
C CYS A 97 8.99 -12.39 -6.23
N SER A 98 9.80 -11.38 -5.85
CA SER A 98 11.25 -11.52 -5.92
C SER A 98 11.98 -10.88 -4.73
N ARG A 99 12.93 -11.63 -4.20
CA ARG A 99 13.72 -11.29 -3.02
C ARG A 99 15.06 -10.62 -3.37
N GLY A 100 15.43 -9.61 -2.59
CA GLY A 100 16.73 -8.95 -2.74
C GLY A 100 16.77 -7.49 -3.12
N TRP A 101 18.00 -6.96 -3.19
CA TRP A 101 18.30 -5.58 -3.55
C TRP A 101 19.36 -5.57 -4.66
N GLU A 102 20.52 -6.19 -4.42
CA GLU A 102 21.61 -6.26 -5.39
C GLU A 102 21.36 -7.43 -6.36
N GLY A 103 20.31 -7.32 -7.16
CA GLY A 103 19.88 -8.34 -8.10
C GLY A 103 18.99 -9.38 -7.44
N PHE A 104 17.88 -9.73 -8.08
CA PHE A 104 16.93 -10.71 -7.54
C PHE A 104 17.40 -12.13 -7.84
N ALA A 105 18.14 -12.73 -6.89
CA ALA A 105 18.67 -14.10 -7.01
C ALA A 105 17.54 -15.13 -6.84
N TYR A 106 16.57 -14.83 -5.95
CA TYR A 106 15.43 -15.70 -5.66
C TYR A 106 14.13 -15.10 -6.19
N TRP A 107 13.41 -15.89 -6.98
CA TRP A 107 12.12 -15.55 -7.56
C TRP A 107 11.12 -16.63 -7.22
N GLY A 108 9.86 -16.25 -7.16
CA GLY A 108 8.77 -17.21 -6.99
C GLY A 108 8.50 -17.85 -8.34
N GLN A 109 7.67 -18.91 -8.37
CA GLN A 109 7.33 -19.60 -9.63
C GLN A 109 6.44 -18.73 -10.53
N GLY A 110 5.79 -17.73 -9.93
CA GLY A 110 4.87 -16.84 -10.63
C GLY A 110 3.43 -17.26 -10.44
N THR A 111 2.51 -16.29 -10.54
CA THR A 111 1.08 -16.53 -10.41
C THR A 111 0.39 -15.92 -11.63
N LEU A 112 -0.31 -16.76 -12.40
CA LEU A 112 -1.05 -16.27 -13.56
C LEU A 112 -2.39 -15.70 -13.08
N VAL A 113 -2.68 -14.47 -13.52
CA VAL A 113 -3.94 -13.79 -13.23
C VAL A 113 -4.61 -13.57 -14.59
N THR A 114 -5.76 -14.22 -14.81
CA THR A 114 -6.52 -14.09 -16.04
C THR A 114 -7.81 -13.32 -15.75
N VAL A 115 -7.96 -12.16 -16.41
CA VAL A 115 -9.15 -11.32 -16.27
C VAL A 115 -10.10 -11.73 -17.40
N SER A 116 -11.28 -12.30 -17.04
CA SER A 116 -12.29 -12.79 -17.98
C SER A 116 -12.89 -11.68 -18.86
N ALA A 117 -13.50 -12.05 -20.00
CA ALA A 117 -14.11 -11.11 -20.94
C ALA A 117 -15.53 -10.75 -20.51
N GLU A 133 11.92 10.75 -13.59
CA GLU A 133 12.04 9.30 -13.43
C GLU A 133 13.04 8.72 -14.43
N LEU A 134 13.78 7.68 -14.02
CA LEU A 134 14.80 7.03 -14.83
C LEU A 134 14.20 6.19 -15.98
N VAL A 135 14.83 6.28 -17.16
CA VAL A 135 14.46 5.53 -18.37
C VAL A 135 15.58 4.53 -18.65
N MET A 136 15.22 3.24 -18.84
CA MET A 136 16.15 2.16 -19.14
C MET A 136 16.03 1.81 -20.62
N THR A 137 17.07 2.16 -21.41
CA THR A 137 17.11 1.90 -22.85
C THR A 137 17.97 0.67 -23.12
N GLN A 138 17.33 -0.49 -23.34
CA GLN A 138 18.01 -1.74 -23.62
C GLN A 138 18.01 -2.02 -25.14
N THR A 139 19.20 -2.28 -25.70
CA THR A 139 19.37 -2.56 -27.13
C THR A 139 20.25 -3.79 -27.39
N PRO A 140 20.00 -4.59 -28.45
CA PRO A 140 18.88 -4.50 -29.41
C PRO A 140 17.62 -5.15 -28.86
N ALA A 141 16.44 -4.89 -29.46
CA ALA A 141 15.19 -5.52 -29.03
C ALA A 141 15.21 -7.02 -29.36
N SER A 142 15.81 -7.35 -30.52
CA SER A 142 15.98 -8.72 -31.04
C SER A 142 17.40 -8.88 -31.55
N LEU A 143 18.03 -10.02 -31.24
CA LEU A 143 19.41 -10.29 -31.66
C LEU A 143 19.57 -11.70 -32.20
N ALA A 144 20.02 -11.80 -33.47
CA ALA A 144 20.30 -13.05 -34.16
C ALA A 144 21.81 -13.18 -34.27
N VAL A 145 22.36 -14.22 -33.61
CA VAL A 145 23.80 -14.48 -33.56
C VAL A 145 24.10 -15.96 -33.89
N SER A 146 25.15 -16.21 -34.71
CA SER A 146 25.58 -17.55 -35.10
C SER A 146 26.24 -18.26 -33.91
N LEU A 147 26.20 -19.61 -33.89
CA LEU A 147 26.82 -20.42 -32.84
C LEU A 147 28.33 -20.22 -32.80
N GLY A 148 28.87 -20.04 -31.60
CA GLY A 148 30.29 -19.81 -31.37
C GLY A 148 30.73 -18.36 -31.49
N GLN A 149 29.79 -17.46 -31.85
CA GLN A 149 30.04 -16.04 -32.01
C GLN A 149 29.72 -15.23 -30.75
N ARG A 150 30.15 -13.96 -30.71
CA ARG A 150 29.94 -13.07 -29.58
C ARG A 150 28.64 -12.27 -29.71
N ALA A 151 27.85 -12.25 -28.62
CA ALA A 151 26.61 -11.47 -28.54
C ALA A 151 26.75 -10.42 -27.43
N THR A 152 26.56 -9.14 -27.79
CA THR A 152 26.66 -8.03 -26.83
C THR A 152 25.32 -7.30 -26.73
N ILE A 153 24.82 -7.19 -25.49
CA ILE A 153 23.56 -6.51 -25.18
C ILE A 153 23.89 -5.24 -24.39
N SER A 154 23.33 -4.10 -24.82
CA SER A 154 23.57 -2.80 -24.19
CA SER A 154 23.57 -2.79 -24.21
C SER A 154 22.37 -2.31 -23.40
N CYS A 155 22.62 -1.60 -22.29
CA CYS A 155 21.61 -1.01 -21.43
C CYS A 155 22.08 0.38 -21.05
N ARG A 156 21.29 1.39 -21.45
CA ARG A 156 21.59 2.80 -21.21
C ARG A 156 20.55 3.40 -20.26
N ALA A 157 21.02 3.95 -19.13
CA ALA A 157 20.17 4.60 -18.13
C ALA A 157 20.17 6.11 -18.35
N SER A 158 19.01 6.77 -18.14
CA SER A 158 18.89 8.22 -18.33
C SER A 158 19.56 9.01 -17.19
N GLU A 159 19.65 8.40 -15.99
CA GLU A 159 20.26 8.99 -14.79
C GLU A 159 21.32 8.03 -14.22
N ASN A 160 22.08 8.49 -13.20
CA ASN A 160 23.10 7.66 -12.54
C ASN A 160 22.46 6.52 -11.75
N VAL A 161 23.08 5.34 -11.80
CA VAL A 161 22.60 4.14 -11.10
C VAL A 161 23.56 3.68 -10.00
N ASP A 162 24.43 4.59 -9.55
CA ASP A 162 25.43 4.34 -8.52
C ASP A 162 24.98 4.66 -7.10
N ARG A 163 25.45 3.86 -6.14
CA ARG A 163 25.24 3.98 -4.71
C ARG A 163 26.44 3.34 -4.01
N TYR A 164 27.10 4.08 -3.11
CA TYR A 164 28.32 3.68 -2.38
C TYR A 164 29.49 3.39 -3.35
N GLY A 165 29.50 4.10 -4.49
CA GLY A 165 30.50 3.95 -5.54
C GLY A 165 30.32 2.70 -6.39
N ASN A 166 29.19 1.99 -6.22
CA ASN A 166 28.89 0.76 -6.95
C ASN A 166 27.69 0.93 -7.86
N SER A 167 27.81 0.43 -9.10
CA SER A 167 26.75 0.48 -10.09
C SER A 167 25.75 -0.64 -9.82
N PHE A 168 24.54 -0.27 -9.39
CA PHE A 168 23.48 -1.23 -9.06
C PHE A 168 22.76 -1.69 -10.32
N MET A 169 23.53 -2.33 -11.23
CA MET A 169 23.05 -2.84 -12.53
CA MET A 169 23.03 -2.86 -12.50
C MET A 169 23.09 -4.37 -12.52
N HIS A 170 21.96 -4.99 -12.81
CA HIS A 170 21.83 -6.45 -12.83
C HIS A 170 21.29 -6.98 -14.15
N TRP A 171 21.68 -8.21 -14.50
CA TRP A 171 21.27 -8.87 -15.73
C TRP A 171 20.53 -10.16 -15.45
N TYR A 172 19.46 -10.42 -16.21
CA TYR A 172 18.63 -11.60 -16.05
C TYR A 172 18.45 -12.36 -17.35
N GLN A 173 18.28 -13.69 -17.24
CA GLN A 173 18.04 -14.59 -18.37
C GLN A 173 16.66 -15.21 -18.15
N GLN A 174 15.81 -15.16 -19.19
CA GLN A 174 14.48 -15.75 -19.10
C GLN A 174 14.18 -16.67 -20.28
N LYS A 175 13.98 -17.95 -19.98
CA LYS A 175 13.65 -19.00 -20.95
C LYS A 175 12.13 -19.22 -20.91
N ALA A 176 11.57 -19.84 -21.97
CA ALA A 176 10.14 -20.12 -22.15
C ALA A 176 9.46 -20.80 -20.96
N GLY A 177 8.42 -20.16 -20.45
CA GLY A 177 7.60 -20.63 -19.33
C GLY A 177 8.31 -20.75 -18.00
N GLN A 178 9.45 -20.06 -17.85
CA GLN A 178 10.28 -20.08 -16.65
C GLN A 178 10.42 -18.69 -16.02
N PRO A 179 10.55 -18.57 -14.67
CA PRO A 179 10.80 -17.24 -14.08
C PRO A 179 12.21 -16.75 -14.46
N PRO A 180 12.50 -15.42 -14.44
CA PRO A 180 13.85 -14.97 -14.79
C PRO A 180 14.92 -15.48 -13.81
N LYS A 181 16.14 -15.65 -14.30
CA LYS A 181 17.28 -16.12 -13.52
C LYS A 181 18.37 -15.06 -13.54
N LEU A 182 18.93 -14.73 -12.36
CA LEU A 182 19.99 -13.73 -12.21
C LEU A 182 21.30 -14.23 -12.80
N LEU A 183 21.93 -13.42 -13.67
CA LEU A 183 23.20 -13.74 -14.32
C LEU A 183 24.32 -12.92 -13.72
N ILE A 184 24.13 -11.59 -13.72
CA ILE A 184 25.09 -10.60 -13.26
C ILE A 184 24.42 -9.66 -12.27
N TYR A 185 25.15 -9.29 -11.21
CA TYR A 185 24.72 -8.32 -10.20
C TYR A 185 25.86 -7.33 -9.98
N ARG A 186 25.54 -6.08 -9.61
CA ARG A 186 26.50 -4.99 -9.39
C ARG A 186 27.42 -4.78 -10.62
N ALA A 187 26.78 -4.67 -11.80
CA ALA A 187 27.38 -4.46 -13.13
C ALA A 187 28.32 -5.55 -13.66
N SER A 188 29.19 -6.13 -12.82
CA SER A 188 30.21 -7.09 -13.27
C SER A 188 30.34 -8.43 -12.53
N ASN A 189 29.60 -8.64 -11.43
CA ASN A 189 29.74 -9.88 -10.67
C ASN A 189 28.89 -11.05 -11.18
N LEU A 190 29.57 -12.14 -11.55
CA LEU A 190 28.97 -13.38 -12.04
C LEU A 190 28.24 -14.09 -10.90
N GLU A 191 26.96 -14.43 -11.11
CA GLU A 191 26.15 -15.16 -10.12
C GLU A 191 26.64 -16.61 -10.08
N SER A 192 26.55 -17.25 -8.89
CA SER A 192 26.98 -18.63 -8.66
C SER A 192 26.30 -19.60 -9.62
N GLY A 193 27.12 -20.41 -10.30
CA GLY A 193 26.64 -21.40 -11.27
C GLY A 193 26.51 -20.93 -12.70
N ILE A 194 26.73 -19.63 -12.96
CA ILE A 194 26.65 -19.06 -14.30
C ILE A 194 28.00 -19.25 -15.02
N PRO A 195 28.03 -19.83 -16.25
CA PRO A 195 29.31 -20.06 -16.93
C PRO A 195 30.14 -18.80 -17.22
N ALA A 196 31.46 -18.98 -17.36
CA ALA A 196 32.46 -17.94 -17.61
C ALA A 196 32.27 -17.18 -18.95
N ARG A 197 31.51 -17.78 -19.90
CA ARG A 197 31.20 -17.17 -21.21
C ARG A 197 30.36 -15.90 -21.07
N PHE A 198 29.60 -15.78 -19.96
CA PHE A 198 28.79 -14.61 -19.62
C PHE A 198 29.67 -13.62 -18.87
N SER A 199 29.61 -12.34 -19.25
CA SER A 199 30.36 -11.26 -18.62
C SER A 199 29.59 -9.95 -18.69
N GLY A 200 29.76 -9.13 -17.66
CA GLY A 200 29.13 -7.82 -17.56
C GLY A 200 30.12 -6.74 -17.20
N SER A 201 29.91 -5.53 -17.73
CA SER A 201 30.76 -4.37 -17.44
C SER A 201 29.96 -3.08 -17.63
N GLY A 202 30.48 -2.00 -17.09
CA GLY A 202 29.87 -0.70 -17.20
C GLY A 202 30.13 0.24 -16.04
N SER A 203 29.90 1.52 -16.28
CA SER A 203 30.06 2.63 -15.34
C SER A 203 29.15 3.77 -15.79
N ARG A 204 28.82 4.68 -14.85
CA ARG A 204 27.97 5.86 -15.08
C ARG A 204 26.58 5.49 -15.61
N THR A 205 26.33 5.67 -16.91
CA THR A 205 25.03 5.39 -17.54
C THR A 205 25.03 4.26 -18.58
N ASP A 206 26.22 3.80 -19.01
CA ASP A 206 26.34 2.74 -20.03
C ASP A 206 26.76 1.39 -19.47
N PHE A 207 26.00 0.34 -19.80
CA PHE A 207 26.22 -1.03 -19.31
C PHE A 207 26.04 -2.06 -20.40
N THR A 208 26.87 -3.12 -20.39
CA THR A 208 26.83 -4.19 -21.38
C THR A 208 26.86 -5.58 -20.76
N LEU A 209 26.23 -6.53 -21.45
CA LEU A 209 26.23 -7.95 -21.14
C LEU A 209 26.80 -8.65 -22.36
N THR A 210 27.87 -9.41 -22.18
CA THR A 210 28.54 -10.12 -23.26
C THR A 210 28.46 -11.63 -23.05
N ILE A 211 28.06 -12.35 -24.09
CA ILE A 211 27.99 -13.81 -24.11
C ILE A 211 28.96 -14.22 -25.22
N ASN A 212 30.10 -14.81 -24.84
CA ASN A 212 31.14 -15.21 -25.79
C ASN A 212 31.92 -16.47 -25.32
N PRO A 213 31.83 -17.61 -26.04
CA PRO A 213 31.04 -17.85 -27.27
C PRO A 213 29.59 -18.24 -26.99
N VAL A 214 28.68 -17.93 -27.93
CA VAL A 214 27.26 -18.23 -27.79
C VAL A 214 26.97 -19.69 -28.20
N GLU A 215 26.20 -20.41 -27.38
CA GLU A 215 25.76 -21.77 -27.66
C GLU A 215 24.23 -21.87 -27.59
N ALA A 216 23.66 -23.01 -28.06
CA ALA A 216 22.21 -23.26 -28.12
C ALA A 216 21.45 -23.01 -26.81
N ASP A 217 22.09 -23.24 -25.65
CA ASP A 217 21.49 -23.02 -24.32
C ASP A 217 21.20 -21.54 -24.03
N ASP A 218 21.91 -20.62 -24.71
CA ASP A 218 21.77 -19.18 -24.53
C ASP A 218 20.51 -18.56 -25.19
N VAL A 219 19.71 -19.37 -25.93
CA VAL A 219 18.47 -18.90 -26.57
C VAL A 219 17.47 -18.59 -25.45
N ALA A 220 17.26 -17.29 -25.19
CA ALA A 220 16.41 -16.75 -24.14
C ALA A 220 16.23 -15.25 -24.32
N THR A 221 15.42 -14.63 -23.44
CA THR A 221 15.22 -13.18 -23.40
C THR A 221 16.06 -12.66 -22.24
N TYR A 222 16.84 -11.59 -22.49
CA TYR A 222 17.71 -10.99 -21.48
C TYR A 222 17.21 -9.63 -21.05
N PHE A 223 17.31 -9.31 -19.75
CA PHE A 223 16.86 -8.03 -19.19
C PHE A 223 17.88 -7.41 -18.25
N CYS A 224 18.11 -6.09 -18.39
CA CYS A 224 18.95 -5.33 -17.46
C CYS A 224 18.00 -4.75 -16.41
N GLN A 225 18.52 -4.36 -15.24
CA GLN A 225 17.73 -3.78 -14.15
C GLN A 225 18.59 -2.95 -13.22
N ARG A 226 18.08 -1.78 -12.80
CA ARG A 226 18.74 -0.92 -11.82
C ARG A 226 18.04 -1.10 -10.47
N SER A 227 18.75 -0.85 -9.34
CA SER A 227 18.17 -0.99 -8.01
C SER A 227 18.70 -0.02 -6.95
N ASN A 228 19.58 0.94 -7.34
CA ASN A 228 20.17 1.92 -6.41
C ASN A 228 19.11 2.78 -5.71
N GLU A 229 18.08 3.21 -6.48
CA GLU A 229 16.97 4.03 -6.01
C GLU A 229 15.69 3.54 -6.71
N VAL A 230 14.53 3.76 -6.08
CA VAL A 230 13.23 3.37 -6.64
C VAL A 230 12.81 4.35 -7.77
N PRO A 231 12.13 3.91 -8.85
CA PRO A 231 11.69 2.54 -9.17
C PRO A 231 12.84 1.65 -9.67
N TRP A 232 12.81 0.35 -9.29
CA TRP A 232 13.83 -0.62 -9.69
C TRP A 232 13.54 -1.15 -11.10
N THR A 233 13.58 -0.22 -12.07
CA THR A 233 13.25 -0.37 -13.48
C THR A 233 14.07 -1.39 -14.25
N PHE A 234 13.35 -2.27 -14.98
CA PHE A 234 13.92 -3.27 -15.87
C PHE A 234 14.02 -2.66 -17.26
N GLY A 235 14.97 -3.12 -18.05
CA GLY A 235 15.09 -2.73 -19.46
C GLY A 235 14.00 -3.43 -20.25
N GLY A 236 13.77 -2.97 -21.47
CA GLY A 236 12.75 -3.52 -22.37
C GLY A 236 12.95 -4.97 -22.79
N GLY A 237 14.18 -5.47 -22.66
CA GLY A 237 14.52 -6.84 -23.00
C GLY A 237 15.18 -7.04 -24.35
N THR A 238 15.92 -8.15 -24.47
CA THR A 238 16.61 -8.58 -25.70
C THR A 238 16.32 -10.05 -25.96
N LYS A 239 15.59 -10.33 -27.05
CA LYS A 239 15.29 -11.70 -27.45
C LYS A 239 16.47 -12.21 -28.28
N LEU A 240 17.24 -13.17 -27.72
CA LEU A 240 18.39 -13.75 -28.40
C LEU A 240 18.04 -15.04 -29.12
N GLU A 241 18.32 -15.09 -30.42
CA GLU A 241 18.05 -16.24 -31.28
C GLU A 241 19.28 -16.68 -32.07
N ILE A 242 19.30 -17.94 -32.53
CA ILE A 242 20.40 -18.52 -33.28
C ILE A 242 20.14 -18.46 -34.79
N LYS A 243 21.14 -17.97 -35.54
CA LYS A 243 21.16 -17.94 -37.00
C LYS A 243 22.23 -18.94 -37.50
N ARG A 244 22.27 -19.21 -38.82
CA ARG A 244 23.22 -20.14 -39.46
C ARG A 244 24.70 -19.85 -39.11
N PRO A 245 25.57 -20.87 -38.92
CA PRO A 245 26.97 -20.59 -38.55
C PRO A 245 27.80 -19.86 -39.61
N VAL B 2 -26.23 -8.45 17.46
CA VAL B 2 -26.56 -7.74 16.22
C VAL B 2 -25.30 -7.30 15.43
N LYS B 3 -25.45 -6.33 14.50
CA LYS B 3 -24.39 -5.77 13.66
C LYS B 3 -23.25 -5.23 14.53
N LEU B 4 -22.01 -5.72 14.30
CA LEU B 4 -20.86 -5.35 15.12
C LEU B 4 -19.53 -5.29 14.38
N LEU B 5 -18.70 -4.28 14.72
CA LEU B 5 -17.35 -4.09 14.18
C LEU B 5 -16.37 -4.39 15.31
N GLU B 6 -15.64 -5.51 15.21
CA GLU B 6 -14.70 -5.96 16.23
C GLU B 6 -13.25 -5.69 15.83
N GLN B 7 -12.59 -4.85 16.62
CA GLN B 7 -11.21 -4.47 16.40
C GLN B 7 -10.24 -5.29 17.24
N SER B 8 -8.98 -5.41 16.76
CA SER B 8 -7.91 -6.12 17.44
C SER B 8 -7.45 -5.38 18.70
N GLY B 9 -6.82 -6.11 19.61
CA GLY B 9 -6.34 -5.59 20.89
C GLY B 9 -5.29 -4.50 20.82
N ALA B 10 -5.05 -3.83 21.96
CA ALA B 10 -4.08 -2.74 22.13
C ALA B 10 -2.67 -3.14 21.68
N GLU B 11 -1.95 -2.20 21.06
CA GLU B 11 -0.60 -2.45 20.55
C GLU B 11 0.46 -1.58 21.22
N LEU B 12 1.58 -2.20 21.62
CA LEU B 12 2.75 -1.52 22.19
C LEU B 12 3.91 -1.84 21.25
N VAL B 13 4.27 -0.85 20.42
CA VAL B 13 5.28 -0.99 19.37
C VAL B 13 6.48 -0.06 19.52
N LYS B 14 7.64 -0.51 19.03
CA LYS B 14 8.90 0.23 19.07
C LYS B 14 8.96 1.25 17.93
N PRO B 15 9.67 2.40 18.09
CA PRO B 15 9.77 3.35 16.95
C PRO B 15 10.52 2.75 15.77
N GLY B 16 10.08 3.10 14.56
CA GLY B 16 10.67 2.63 13.32
C GLY B 16 10.11 1.32 12.81
N ALA B 17 9.33 0.61 13.64
CA ALA B 17 8.72 -0.68 13.31
C ALA B 17 7.38 -0.52 12.56
N SER B 18 6.70 -1.64 12.25
CA SER B 18 5.40 -1.66 11.57
C SER B 18 4.32 -2.26 12.47
N VAL B 19 3.05 -1.97 12.15
CA VAL B 19 1.90 -2.50 12.88
C VAL B 19 0.69 -2.75 11.97
N ARG B 20 -0.02 -3.86 12.21
CA ARG B 20 -1.22 -4.21 11.46
C ARG B 20 -2.40 -4.33 12.42
N LEU B 21 -3.45 -3.54 12.15
CA LEU B 21 -4.67 -3.55 12.95
C LEU B 21 -5.81 -4.13 12.12
N SER B 22 -6.67 -4.95 12.74
CA SER B 22 -7.79 -5.58 12.04
C SER B 22 -9.14 -5.09 12.52
N CYS B 23 -10.15 -5.19 11.64
CA CYS B 23 -11.53 -4.82 11.91
C CYS B 23 -12.44 -5.90 11.33
N THR B 24 -12.84 -6.86 12.18
CA THR B 24 -13.70 -7.97 11.78
C THR B 24 -15.16 -7.54 11.89
N ALA B 25 -15.88 -7.62 10.77
CA ALA B 25 -17.28 -7.25 10.70
C ALA B 25 -18.18 -8.47 10.84
N SER B 26 -19.19 -8.36 11.71
CA SER B 26 -20.17 -9.41 11.96
C SER B 26 -21.58 -8.86 11.86
N GLY B 27 -22.46 -9.62 11.21
CA GLY B 27 -23.86 -9.23 11.01
C GLY B 27 -24.15 -8.66 9.64
N PHE B 28 -23.09 -8.36 8.86
CA PHE B 28 -23.18 -7.80 7.51
C PHE B 28 -22.00 -8.19 6.61
N ASN B 29 -22.08 -7.84 5.32
CA ASN B 29 -21.07 -8.11 4.29
C ASN B 29 -20.20 -6.85 4.12
N ILE B 30 -18.85 -6.99 4.20
CA ILE B 30 -17.92 -5.87 4.05
CA ILE B 30 -17.92 -5.87 4.07
C ILE B 30 -17.96 -5.25 2.66
N LYS B 31 -18.33 -6.05 1.65
CA LYS B 31 -18.45 -5.65 0.24
C LYS B 31 -19.63 -4.71 -0.04
N ASP B 32 -20.70 -4.72 0.82
CA ASP B 32 -21.91 -3.90 0.64
CA ASP B 32 -21.90 -3.89 0.60
C ASP B 32 -21.69 -2.38 0.71
N THR B 33 -20.67 -1.93 1.46
CA THR B 33 -20.34 -0.51 1.63
C THR B 33 -18.84 -0.27 1.85
N TYR B 34 -18.45 1.00 1.98
CA TYR B 34 -17.05 1.39 2.20
C TYR B 34 -16.64 1.19 3.66
N MET B 35 -15.33 0.96 3.88
CA MET B 35 -14.74 0.79 5.21
CA MET B 35 -14.76 0.81 5.21
C MET B 35 -13.64 1.82 5.40
N SER B 36 -13.81 2.73 6.37
CA SER B 36 -12.85 3.78 6.67
C SER B 36 -12.06 3.51 7.95
N TRP B 37 -10.86 4.11 8.04
CA TRP B 37 -10.01 4.07 9.22
C TRP B 37 -9.85 5.51 9.71
N VAL B 38 -10.11 5.74 11.00
CA VAL B 38 -10.05 7.07 11.62
C VAL B 38 -9.04 7.06 12.77
N LYS B 39 -8.16 8.06 12.80
CA LYS B 39 -7.11 8.23 13.80
C LYS B 39 -7.50 9.36 14.77
N GLN B 40 -7.29 9.13 16.08
CA GLN B 40 -7.53 10.13 17.10
C GLN B 40 -6.42 10.11 18.15
N ARG B 41 -5.53 11.11 18.08
CA ARG B 41 -4.42 11.30 19.03
C ARG B 41 -5.01 11.73 20.38
N PRO B 42 -4.40 11.36 21.53
CA PRO B 42 -4.98 11.74 22.84
C PRO B 42 -5.33 13.23 22.97
N GLU B 43 -6.60 13.51 23.36
CA GLU B 43 -7.19 14.85 23.54
C GLU B 43 -7.33 15.68 22.24
N GLN B 44 -7.14 15.03 21.07
CA GLN B 44 -7.22 15.67 19.75
C GLN B 44 -8.49 15.28 18.96
N GLY B 45 -8.65 15.86 17.77
CA GLY B 45 -9.78 15.62 16.89
C GLY B 45 -9.67 14.36 16.06
N LEU B 46 -10.78 14.00 15.37
CA LEU B 46 -10.84 12.82 14.50
C LEU B 46 -10.16 13.10 13.16
N GLU B 47 -9.30 12.18 12.72
CA GLU B 47 -8.57 12.29 11.45
C GLU B 47 -8.92 11.12 10.55
N TRP B 48 -9.58 11.39 9.42
CA TRP B 48 -9.94 10.37 8.43
C TRP B 48 -8.66 9.98 7.68
N ILE B 49 -8.25 8.71 7.81
CA ILE B 49 -7.03 8.19 7.17
C ILE B 49 -7.32 7.89 5.69
N GLY B 50 -8.31 7.04 5.46
CA GLY B 50 -8.71 6.62 4.12
C GLY B 50 -9.89 5.67 4.12
N ARG B 51 -10.30 5.22 2.93
CA ARG B 51 -11.42 4.30 2.76
C ARG B 51 -11.14 3.20 1.74
N ILE B 52 -11.75 2.03 1.94
CA ILE B 52 -11.64 0.91 1.02
C ILE B 52 -13.03 0.46 0.55
N ASP B 53 -13.15 0.10 -0.73
CA ASP B 53 -14.33 -0.48 -1.32
C ASP B 53 -13.93 -1.95 -1.47
N PRO B 54 -14.32 -2.85 -0.53
CA PRO B 54 -13.87 -4.26 -0.61
C PRO B 54 -14.39 -5.09 -1.79
N ALA B 55 -15.41 -4.58 -2.53
CA ALA B 55 -15.94 -5.28 -3.70
C ALA B 55 -14.96 -5.22 -4.88
N ASN B 56 -14.18 -4.11 -5.00
CA ASN B 56 -13.21 -3.91 -6.08
C ASN B 56 -11.77 -3.63 -5.60
N GLY B 57 -11.59 -3.52 -4.29
CA GLY B 57 -10.29 -3.25 -3.67
C GLY B 57 -9.78 -1.83 -3.81
N ASP B 58 -10.62 -0.91 -4.33
CA ASP B 58 -10.27 0.51 -4.51
C ASP B 58 -10.01 1.19 -3.17
N THR B 59 -8.86 1.89 -3.09
CA THR B 59 -8.44 2.62 -1.89
C THR B 59 -8.21 4.08 -2.20
N LYS B 60 -8.58 4.93 -1.25
CA LYS B 60 -8.40 6.39 -1.31
C LYS B 60 -7.92 6.83 0.05
N TYR B 61 -6.90 7.70 0.09
CA TYR B 61 -6.30 8.16 1.34
C TYR B 61 -6.24 9.67 1.40
N ASP B 62 -6.22 10.22 2.62
CA ASP B 62 -6.03 11.65 2.84
C ASP B 62 -4.53 11.91 2.54
N PRO B 63 -4.17 13.01 1.82
CA PRO B 63 -2.75 13.25 1.48
C PRO B 63 -1.74 13.14 2.64
N LYS B 64 -2.18 13.49 3.87
CA LYS B 64 -1.38 13.45 5.10
C LYS B 64 -0.93 12.04 5.48
N PHE B 65 -1.72 11.01 5.10
CA PHE B 65 -1.43 9.61 5.42
C PHE B 65 -0.77 8.78 4.30
N GLN B 66 -0.40 9.44 3.18
CA GLN B 66 0.30 8.78 2.07
C GLN B 66 1.76 8.55 2.47
N GLY B 67 2.21 7.31 2.37
CA GLY B 67 3.55 6.90 2.76
C GLY B 67 3.63 6.61 4.25
N LYS B 68 2.47 6.34 4.87
CA LYS B 68 2.33 6.03 6.29
C LYS B 68 1.31 4.90 6.47
N ALA B 69 0.11 5.06 5.89
CA ALA B 69 -0.98 4.10 6.02
C ALA B 69 -1.33 3.37 4.74
N THR B 70 -1.73 2.10 4.91
CA THR B 70 -2.17 1.19 3.85
C THR B 70 -3.41 0.46 4.38
N ILE B 71 -4.47 0.44 3.56
CA ILE B 71 -5.72 -0.23 3.92
C ILE B 71 -5.97 -1.40 2.97
N THR B 72 -6.26 -2.58 3.55
CA THR B 72 -6.58 -3.79 2.80
C THR B 72 -7.87 -4.40 3.35
N ALA B 73 -8.44 -5.37 2.62
CA ALA B 73 -9.64 -6.08 3.01
C ALA B 73 -9.57 -7.53 2.58
N ASP B 74 -10.07 -8.42 3.44
CA ASP B 74 -10.14 -9.86 3.18
C ASP B 74 -11.64 -10.22 3.14
N THR B 75 -12.17 -10.46 1.93
CA THR B 75 -13.57 -10.79 1.68
C THR B 75 -13.97 -12.25 2.01
N SER B 76 -13.01 -13.06 2.48
CA SER B 76 -13.26 -14.44 2.89
C SER B 76 -13.49 -14.48 4.41
N SER B 77 -12.73 -13.66 5.16
CA SER B 77 -12.82 -13.54 6.62
C SER B 77 -13.69 -12.34 7.06
N ASN B 78 -14.18 -11.52 6.09
CA ASN B 78 -15.02 -10.33 6.30
C ASN B 78 -14.29 -9.31 7.22
N THR B 79 -12.99 -9.10 6.96
CA THR B 79 -12.11 -8.23 7.76
C THR B 79 -11.42 -7.14 6.93
N ALA B 80 -11.24 -5.96 7.54
CA ALA B 80 -10.53 -4.82 6.96
C ALA B 80 -9.28 -4.59 7.80
N TYR B 81 -8.17 -4.22 7.16
CA TYR B 81 -6.91 -4.02 7.87
C TYR B 81 -6.32 -2.63 7.67
N LEU B 82 -5.54 -2.17 8.66
CA LEU B 82 -4.80 -0.91 8.61
C LEU B 82 -3.33 -1.21 8.91
N HIS B 83 -2.46 -0.89 7.94
CA HIS B 83 -1.02 -1.12 8.03
C HIS B 83 -0.33 0.22 8.23
N LEU B 84 0.44 0.36 9.32
CA LEU B 84 1.16 1.59 9.61
C LEU B 84 2.67 1.33 9.54
N SER B 85 3.38 2.10 8.72
CA SER B 85 4.81 1.95 8.50
C SER B 85 5.67 2.93 9.30
N SER B 86 6.96 2.57 9.54
CA SER B 86 8.01 3.32 10.24
C SER B 86 7.44 4.26 11.31
N LEU B 87 6.87 3.64 12.35
CA LEU B 87 6.18 4.31 13.46
C LEU B 87 7.02 5.32 14.24
N THR B 88 6.44 6.50 14.47
CA THR B 88 7.03 7.61 15.24
C THR B 88 6.08 7.91 16.42
N SER B 89 6.49 8.81 17.34
CA SER B 89 5.68 9.20 18.50
C SER B 89 4.35 9.85 18.09
N GLY B 90 4.31 10.47 16.92
CA GLY B 90 3.13 11.09 16.34
C GLY B 90 2.05 10.11 15.92
N ASP B 91 2.40 8.82 15.85
CA ASP B 91 1.49 7.75 15.47
C ASP B 91 0.74 7.17 16.68
N THR B 92 1.15 7.56 17.92
CA THR B 92 0.48 7.15 19.15
C THR B 92 -0.91 7.75 19.15
N ALA B 93 -1.94 6.88 19.00
CA ALA B 93 -3.34 7.27 18.91
C ALA B 93 -4.28 6.07 19.02
N VAL B 94 -5.59 6.34 19.14
CA VAL B 94 -6.63 5.33 19.11
C VAL B 94 -7.12 5.29 17.65
N TYR B 95 -7.10 4.11 17.04
CA TYR B 95 -7.50 3.93 15.65
C TYR B 95 -8.84 3.24 15.59
N TYR B 96 -9.79 3.81 14.84
CA TYR B 96 -11.14 3.29 14.69
C TYR B 96 -11.42 2.86 13.26
N CYS B 97 -12.17 1.77 13.09
CA CYS B 97 -12.65 1.37 11.78
C CYS B 97 -14.11 1.81 11.72
N SER B 98 -14.52 2.39 10.59
CA SER B 98 -15.88 2.92 10.45
C SER B 98 -16.52 2.58 9.11
N ARG B 99 -17.72 2.00 9.19
CA ARG B 99 -18.54 1.53 8.07
C ARG B 99 -19.52 2.59 7.57
N GLY B 100 -19.66 2.69 6.25
CA GLY B 100 -20.63 3.59 5.64
C GLY B 100 -20.10 4.72 4.77
N TRP B 101 -21.05 5.42 4.13
CA TRP B 101 -20.80 6.56 3.24
C TRP B 101 -21.58 7.78 3.74
N GLU B 102 -22.92 7.65 3.85
CA GLU B 102 -23.79 8.73 4.34
C GLU B 102 -23.78 8.74 5.87
N GLY B 103 -22.63 9.10 6.44
CA GLY B 103 -22.43 9.14 7.89
C GLY B 103 -22.06 7.78 8.44
N PHE B 104 -21.02 7.73 9.30
CA PHE B 104 -20.56 6.48 9.91
C PHE B 104 -21.45 6.10 11.10
N ALA B 105 -22.49 5.31 10.84
CA ALA B 105 -23.43 4.85 11.88
C ALA B 105 -22.79 3.76 12.73
N TYR B 106 -21.95 2.90 12.12
CA TYR B 106 -21.26 1.82 12.80
C TYR B 106 -19.76 2.06 12.90
N TRP B 107 -19.25 1.98 14.12
CA TRP B 107 -17.84 2.18 14.47
C TRP B 107 -17.35 0.99 15.28
N GLY B 108 -16.07 0.69 15.16
CA GLY B 108 -15.43 -0.33 15.97
C GLY B 108 -15.14 0.24 17.35
N GLN B 109 -14.80 -0.62 18.33
CA GLN B 109 -14.52 -0.16 19.69
C GLN B 109 -13.25 0.71 19.79
N GLY B 110 -12.36 0.58 18.80
CA GLY B 110 -11.10 1.30 18.73
C GLY B 110 -9.93 0.43 19.13
N THR B 111 -8.73 0.80 18.65
CA THR B 111 -7.48 0.11 18.95
C THR B 111 -6.43 1.13 19.35
N LEU B 112 -5.93 1.04 20.58
CA LEU B 112 -4.89 1.93 21.07
C LEU B 112 -3.53 1.44 20.59
N VAL B 113 -2.80 2.33 19.90
CA VAL B 113 -1.45 2.04 19.41
C VAL B 113 -0.51 2.97 20.18
N THR B 114 0.39 2.38 20.96
CA THR B 114 1.36 3.13 21.76
C THR B 114 2.76 2.89 21.22
N VAL B 115 3.41 3.97 20.77
CA VAL B 115 4.78 3.95 20.26
C VAL B 115 5.69 4.33 21.43
N SER B 116 6.56 3.40 21.85
CA SER B 116 7.49 3.58 22.97
C SER B 116 8.54 4.68 22.72
N ALA B 117 9.19 5.16 23.79
CA ALA B 117 10.21 6.22 23.72
C ALA B 117 11.57 5.63 23.35
N LEU B 134 -9.71 20.43 0.36
CA LEU B 134 -10.84 20.96 1.11
C LEU B 134 -10.49 21.15 2.60
N VAL B 135 -10.92 22.29 3.18
CA VAL B 135 -10.73 22.61 4.60
C VAL B 135 -12.09 22.71 5.32
N MET B 136 -12.22 22.00 6.45
CA MET B 136 -13.43 21.99 7.27
C MET B 136 -13.24 22.88 8.48
N THR B 137 -13.88 24.04 8.49
CA THR B 137 -13.78 25.02 9.58
C THR B 137 -14.98 24.89 10.54
N GLN B 138 -14.76 24.21 11.67
CA GLN B 138 -15.78 24.01 12.69
C GLN B 138 -15.60 25.00 13.84
N THR B 139 -16.65 25.79 14.11
CA THR B 139 -16.65 26.82 15.15
C THR B 139 -17.87 26.70 16.08
N PRO B 140 -17.74 27.00 17.40
CA PRO B 140 -16.51 27.38 18.14
C PRO B 140 -15.67 26.16 18.55
N ALA B 141 -14.42 26.38 18.99
CA ALA B 141 -13.54 25.29 19.44
C ALA B 141 -14.05 24.75 20.79
N SER B 142 -14.50 25.65 21.67
CA SER B 142 -15.06 25.36 22.99
C SER B 142 -16.37 26.12 23.14
N LEU B 143 -17.38 25.48 23.75
CA LEU B 143 -18.68 26.11 23.96
C LEU B 143 -19.26 25.81 25.34
N ALA B 144 -19.52 26.87 26.11
CA ALA B 144 -20.12 26.82 27.44
C ALA B 144 -21.57 27.26 27.32
N VAL B 145 -22.50 26.41 27.77
CA VAL B 145 -23.94 26.66 27.70
C VAL B 145 -24.67 26.22 28.99
N SER B 146 -25.60 27.06 29.46
CA SER B 146 -26.41 26.78 30.65
C SER B 146 -27.45 25.70 30.34
N LEU B 147 -27.88 24.94 31.36
CA LEU B 147 -28.89 23.88 31.22
C LEU B 147 -30.23 24.45 30.77
N GLY B 148 -30.84 23.82 29.77
CA GLY B 148 -32.12 24.23 29.20
C GLY B 148 -32.00 25.27 28.09
N GLN B 149 -30.77 25.73 27.80
CA GLN B 149 -30.50 26.72 26.76
C GLN B 149 -30.12 26.05 25.43
N ARG B 150 -29.97 26.86 24.37
CA ARG B 150 -29.64 26.40 23.01
C ARG B 150 -28.15 26.49 22.69
N ALA B 151 -27.60 25.45 22.04
CA ALA B 151 -26.21 25.39 21.60
C ALA B 151 -26.17 25.25 20.08
N THR B 152 -25.45 26.17 19.42
CA THR B 152 -25.30 26.20 17.96
C THR B 152 -23.85 25.95 17.59
N ILE B 153 -23.61 24.89 16.82
CA ILE B 153 -22.28 24.49 16.35
C ILE B 153 -22.25 24.62 14.82
N SER B 154 -21.35 25.47 14.30
CA SER B 154 -21.24 25.73 12.87
C SER B 154 -20.06 24.99 12.21
N CYS B 155 -20.23 24.61 10.93
CA CYS B 155 -19.21 23.95 10.13
C CYS B 155 -19.24 24.52 8.72
N ARG B 156 -18.12 25.12 8.30
CA ARG B 156 -17.96 25.75 6.99
C ARG B 156 -16.95 24.99 6.14
N ALA B 157 -17.37 24.58 4.92
CA ALA B 157 -16.53 23.86 3.97
C ALA B 157 -16.04 24.82 2.88
N SER B 158 -14.78 24.66 2.44
CA SER B 158 -14.17 25.51 1.41
C SER B 158 -14.74 25.27 0.02
N GLU B 159 -15.18 24.02 -0.26
CA GLU B 159 -15.75 23.61 -1.54
C GLU B 159 -17.16 23.03 -1.32
N ASN B 160 -17.92 22.81 -2.42
CA ASN B 160 -19.26 22.23 -2.38
C ASN B 160 -19.22 20.78 -1.91
N VAL B 161 -20.08 20.43 -0.95
CA VAL B 161 -20.16 19.09 -0.36
C VAL B 161 -21.41 18.33 -0.81
N ASP B 162 -22.03 18.78 -1.93
CA ASP B 162 -23.24 18.20 -2.49
C ASP B 162 -22.98 17.16 -3.56
N ARG B 163 -23.82 16.11 -3.56
CA ARG B 163 -23.82 15.01 -4.52
C ARG B 163 -25.25 14.50 -4.64
N TYR B 164 -25.74 14.39 -5.90
CA TYR B 164 -27.12 14.00 -6.27
C TYR B 164 -28.17 14.98 -5.68
N GLY B 165 -27.79 16.25 -5.57
CA GLY B 165 -28.63 17.31 -5.01
C GLY B 165 -28.74 17.30 -3.50
N ASN B 166 -28.02 16.37 -2.84
CA ASN B 166 -28.01 16.20 -1.39
C ASN B 166 -26.66 16.58 -0.78
N SER B 167 -26.71 17.33 0.32
CA SER B 167 -25.52 17.77 1.05
C SER B 167 -24.99 16.63 1.93
N PHE B 168 -23.83 16.08 1.57
CA PHE B 168 -23.20 14.98 2.32
C PHE B 168 -22.46 15.50 3.56
N MET B 169 -23.24 16.05 4.52
CA MET B 169 -22.75 16.62 5.78
CA MET B 169 -22.74 16.59 5.78
C MET B 169 -23.29 15.80 6.95
N HIS B 170 -22.40 15.32 7.83
CA HIS B 170 -22.77 14.50 8.97
C HIS B 170 -22.23 15.03 10.29
N TRP B 171 -22.99 14.80 11.37
CA TRP B 171 -22.63 15.25 12.72
C TRP B 171 -22.45 14.07 13.67
N TYR B 172 -21.41 14.16 14.52
CA TYR B 172 -21.06 13.11 15.48
C TYR B 172 -20.94 13.64 16.90
N GLN B 173 -21.23 12.77 17.89
CA GLN B 173 -21.09 13.05 19.32
C GLN B 173 -20.05 12.06 19.88
N GLN B 174 -19.09 12.56 20.66
CA GLN B 174 -18.08 11.71 21.27
C GLN B 174 -17.85 12.03 22.73
N LYS B 175 -18.12 11.05 23.61
CA LYS B 175 -17.92 11.15 25.05
C LYS B 175 -16.59 10.49 25.42
N ALA B 176 -16.01 10.88 26.58
CA ALA B 176 -14.72 10.41 27.09
C ALA B 176 -14.56 8.89 27.11
N GLY B 177 -13.51 8.41 26.45
CA GLY B 177 -13.16 7.00 26.34
C GLY B 177 -14.15 6.14 25.60
N GLN B 178 -14.91 6.74 24.66
CA GLN B 178 -15.93 6.08 23.86
C GLN B 178 -15.77 6.35 22.36
N PRO B 179 -16.12 5.39 21.46
CA PRO B 179 -16.06 5.69 20.02
C PRO B 179 -17.14 6.70 19.62
N PRO B 180 -16.95 7.51 18.55
CA PRO B 180 -17.99 8.49 18.17
C PRO B 180 -19.33 7.86 17.79
N LYS B 181 -20.41 8.62 17.97
CA LYS B 181 -21.77 8.20 17.68
C LYS B 181 -22.39 9.17 16.67
N LEU B 182 -23.02 8.63 15.62
CA LEU B 182 -23.68 9.42 14.58
C LEU B 182 -24.99 10.05 15.10
N LEU B 183 -25.15 11.36 14.89
CA LEU B 183 -26.34 12.11 15.31
C LEU B 183 -27.19 12.47 14.11
N ILE B 184 -26.57 13.13 13.11
CA ILE B 184 -27.21 13.62 11.89
C ILE B 184 -26.39 13.15 10.68
N TYR B 185 -27.09 12.75 9.61
CA TYR B 185 -26.51 12.35 8.32
C TYR B 185 -27.26 13.10 7.21
N ARG B 186 -26.62 13.34 6.05
CA ARG B 186 -27.19 14.07 4.90
C ARG B 186 -27.77 15.44 5.32
N ALA B 187 -26.95 16.20 6.08
CA ALA B 187 -27.22 17.54 6.62
C ALA B 187 -28.36 17.71 7.63
N SER B 188 -29.53 17.06 7.42
CA SER B 188 -30.69 17.24 8.30
C SER B 188 -31.36 15.97 8.86
N ASN B 189 -30.99 14.77 8.36
CA ASN B 189 -31.64 13.54 8.82
C ASN B 189 -31.18 13.04 10.19
N LEU B 190 -32.13 12.97 11.13
CA LEU B 190 -31.89 12.50 12.50
C LEU B 190 -31.74 10.98 12.51
N GLU B 191 -30.63 10.50 13.11
CA GLU B 191 -30.32 9.08 13.24
C GLU B 191 -31.26 8.44 14.28
N SER B 192 -31.61 7.15 14.08
CA SER B 192 -32.49 6.38 14.97
C SER B 192 -31.93 6.31 16.39
N GLY B 193 -32.79 6.60 17.36
CA GLY B 193 -32.45 6.58 18.78
C GLY B 193 -31.97 7.91 19.34
N ILE B 194 -31.66 8.87 18.45
CA ILE B 194 -31.19 10.20 18.85
C ILE B 194 -32.39 11.10 19.18
N PRO B 195 -32.41 11.78 20.37
CA PRO B 195 -33.56 12.63 20.71
C PRO B 195 -33.80 13.80 19.76
N ALA B 196 -35.06 14.26 19.68
CA ALA B 196 -35.53 15.35 18.82
C ALA B 196 -34.86 16.72 19.09
N ARG B 197 -34.21 16.88 20.27
CA ARG B 197 -33.50 18.11 20.65
C ARG B 197 -32.29 18.41 19.75
N PHE B 198 -31.78 17.37 19.05
CA PHE B 198 -30.68 17.47 18.10
C PHE B 198 -31.25 17.68 16.70
N SER B 199 -30.76 18.69 15.99
CA SER B 199 -31.22 19.01 14.64
C SER B 199 -30.10 19.59 13.78
N GLY B 200 -30.12 19.25 12.50
CA GLY B 200 -29.14 19.71 11.53
C GLY B 200 -29.77 20.51 10.42
N SER B 201 -29.06 21.55 9.95
CA SER B 201 -29.52 22.41 8.87
C SER B 201 -28.34 22.91 8.03
N GLY B 202 -28.64 23.46 6.86
CA GLY B 202 -27.64 24.00 5.97
C GLY B 202 -27.64 23.40 4.57
N SER B 203 -26.99 24.11 3.65
CA SER B 203 -26.80 23.77 2.24
C SER B 203 -25.52 24.45 1.74
N ARG B 204 -25.09 24.09 0.50
CA ARG B 204 -23.89 24.62 -0.17
C ARG B 204 -22.60 24.42 0.63
N THR B 205 -22.19 25.44 1.43
CA THR B 205 -20.96 25.44 2.22
C THR B 205 -21.15 25.63 3.73
N ASP B 206 -22.24 26.31 4.15
CA ASP B 206 -22.53 26.58 5.56
C ASP B 206 -23.52 25.60 6.16
N PHE B 207 -23.13 24.97 7.29
CA PHE B 207 -23.91 23.93 7.99
C PHE B 207 -23.90 24.13 9.50
N THR B 208 -25.00 23.80 10.17
CA THR B 208 -25.13 23.96 11.63
C THR B 208 -25.79 22.77 12.34
N LEU B 209 -25.28 22.47 13.55
CA LEU B 209 -25.84 21.47 14.46
C LEU B 209 -26.46 22.26 15.61
N THR B 210 -27.75 22.01 15.88
CA THR B 210 -28.48 22.68 16.96
C THR B 210 -28.89 21.66 18.03
N ILE B 211 -28.57 21.99 19.30
CA ILE B 211 -28.95 21.20 20.47
C ILE B 211 -29.82 22.13 21.31
N ASN B 212 -31.14 21.86 21.36
CA ASN B 212 -32.10 22.70 22.07
C ASN B 212 -33.33 21.91 22.61
N PRO B 213 -33.53 21.84 23.95
CA PRO B 213 -32.70 22.39 25.03
C PRO B 213 -31.52 21.50 25.42
N VAL B 214 -30.41 22.11 25.88
CA VAL B 214 -29.22 21.36 26.29
C VAL B 214 -29.38 20.81 27.71
N GLU B 215 -29.06 19.51 27.87
CA GLU B 215 -29.08 18.84 29.18
C GLU B 215 -27.70 18.24 29.51
N ALA B 216 -27.50 17.82 30.78
CA ALA B 216 -26.24 17.26 31.31
C ALA B 216 -25.65 16.11 30.49
N ASP B 217 -26.50 15.32 29.79
CA ASP B 217 -26.08 14.20 28.94
C ASP B 217 -25.32 14.66 27.69
N ASP B 218 -25.59 15.90 27.24
CA ASP B 218 -24.98 16.49 26.03
C ASP B 218 -23.51 16.94 26.18
N VAL B 219 -22.93 16.84 27.39
CA VAL B 219 -21.51 17.18 27.65
C VAL B 219 -20.66 16.17 26.88
N ALA B 220 -20.07 16.62 25.76
CA ALA B 220 -19.27 15.81 24.84
C ALA B 220 -18.55 16.70 23.82
N THR B 221 -17.78 16.08 22.92
CA THR B 221 -17.10 16.74 21.81
C THR B 221 -17.89 16.41 20.54
N TYR B 222 -18.24 17.43 19.75
CA TYR B 222 -19.03 17.30 18.53
C TYR B 222 -18.20 17.55 17.28
N PHE B 223 -18.39 16.72 16.24
CA PHE B 223 -17.63 16.80 14.99
C PHE B 223 -18.52 16.79 13.76
N CYS B 224 -18.20 17.65 12.76
CA CYS B 224 -18.87 17.67 11.46
C CYS B 224 -18.00 16.86 10.49
N GLN B 225 -18.59 16.31 9.43
CA GLN B 225 -17.86 15.53 8.42
C GLN B 225 -18.54 15.56 7.06
N ARG B 226 -17.73 15.67 5.99
CA ARG B 226 -18.21 15.61 4.62
C ARG B 226 -17.84 14.23 4.04
N SER B 227 -18.60 13.74 3.03
CA SER B 227 -18.32 12.44 2.41
C SER B 227 -18.67 12.32 0.93
N ASN B 228 -19.08 13.44 0.28
CA ASN B 228 -19.43 13.46 -1.15
C ASN B 228 -18.28 13.02 -2.05
N GLU B 229 -17.05 13.49 -1.76
CA GLU B 229 -15.82 13.16 -2.48
C GLU B 229 -14.69 13.02 -1.48
N VAL B 230 -13.65 12.24 -1.83
CA VAL B 230 -12.47 12.04 -0.97
C VAL B 230 -11.57 13.30 -0.97
N PRO B 231 -10.96 13.73 0.17
CA PRO B 231 -11.00 13.12 1.52
C PRO B 231 -12.29 13.37 2.30
N TRP B 232 -12.70 12.39 3.12
CA TRP B 232 -13.92 12.50 3.93
C TRP B 232 -13.57 13.19 5.26
N THR B 233 -13.11 14.44 5.15
CA THR B 233 -12.61 15.32 6.21
C THR B 233 -13.57 15.65 7.34
N PHE B 234 -13.09 15.46 8.58
CA PHE B 234 -13.79 15.80 9.81
C PHE B 234 -13.39 17.22 10.20
N GLY B 235 -14.31 17.95 10.82
CA GLY B 235 -14.03 19.28 11.35
C GLY B 235 -13.15 19.16 12.59
N GLY B 236 -12.57 20.28 13.02
CA GLY B 236 -11.69 20.34 14.20
C GLY B 236 -12.32 19.91 15.51
N GLY B 237 -13.65 20.01 15.59
CA GLY B 237 -14.40 19.63 16.78
C GLY B 237 -14.85 20.78 17.66
N THR B 238 -15.89 20.53 18.46
CA THR B 238 -16.47 21.49 19.42
C THR B 238 -16.69 20.81 20.76
N LYS B 239 -15.97 21.26 21.80
CA LYS B 239 -16.12 20.72 23.15
C LYS B 239 -17.25 21.47 23.84
N LEU B 240 -18.34 20.75 24.16
CA LEU B 240 -19.52 21.32 24.81
C LEU B 240 -19.52 21.02 26.31
N GLU B 241 -19.61 22.07 27.13
CA GLU B 241 -19.64 21.98 28.59
C GLU B 241 -20.77 22.83 29.20
N ILE B 242 -21.16 22.51 30.46
CA ILE B 242 -22.20 23.24 31.19
C ILE B 242 -21.56 24.33 32.05
N LYS B 243 -22.04 25.59 31.90
CA LYS B 243 -21.56 26.74 32.66
C LYS B 243 -22.34 26.95 33.96
N TYR C 5 37.93 -20.62 11.84
CA TYR C 5 37.76 -21.13 10.48
C TYR C 5 38.60 -20.33 9.47
N ALA C 6 38.64 -20.81 8.21
CA ALA C 6 39.34 -20.16 7.10
C ALA C 6 38.59 -18.87 6.70
N MET C 7 39.27 -17.95 6.01
CA MET C 7 38.67 -16.68 5.59
C MET C 7 37.76 -16.86 4.37
N CYS C 8 36.65 -16.09 4.30
CA CYS C 8 35.72 -16.11 3.17
C CYS C 8 36.45 -15.57 1.94
N LEU C 9 36.49 -16.38 0.86
CA LEU C 9 37.19 -16.01 -0.37
C LEU C 9 36.29 -15.41 -1.46
N ASN C 10 34.98 -15.68 -1.38
CA ASN C 10 33.99 -15.15 -2.34
C ASN C 10 33.50 -13.75 -1.91
N THR C 11 32.58 -13.16 -2.69
CA THR C 11 32.04 -11.83 -2.44
C THR C 11 30.73 -11.79 -1.63
N PHE C 12 30.31 -10.58 -1.25
CA PHE C 12 29.11 -10.31 -0.44
C PHE C 12 28.21 -9.30 -1.14
N VAL C 13 26.94 -9.26 -0.73
CA VAL C 13 25.92 -8.32 -1.22
C VAL C 13 25.21 -7.65 -0.06
N LEU C 14 24.77 -6.41 -0.24
CA LEU C 14 24.02 -5.67 0.78
C LEU C 14 22.56 -6.11 0.75
N LYS C 15 22.06 -6.61 1.88
CA LYS C 15 20.67 -7.06 2.02
C LYS C 15 19.73 -5.85 1.99
N LYS C 16 20.16 -4.74 2.61
CA LYS C 16 19.43 -3.48 2.70
C LYS C 16 20.40 -2.30 2.71
N GLU C 17 19.87 -1.06 2.72
CA GLU C 17 20.64 0.18 2.80
C GLU C 17 21.50 0.16 4.06
N VAL C 18 22.70 0.75 4.01
CA VAL C 18 23.59 0.86 5.18
C VAL C 18 22.90 1.82 6.16
N SER C 19 22.75 1.40 7.43
CA SER C 19 22.12 2.19 8.49
C SER C 19 23.18 3.00 9.21
N GLU C 20 22.87 4.27 9.55
CA GLU C 20 23.78 5.18 10.23
C GLU C 20 23.23 5.60 11.59
N HIS C 23 25.31 6.56 17.75
CA HIS C 23 26.61 6.21 18.30
C HIS C 23 27.77 6.52 17.33
N GLY C 24 27.43 6.93 16.11
CA GLY C 24 28.40 7.26 15.06
C GLY C 24 28.70 6.11 14.13
N THR C 25 28.52 4.87 14.62
CA THR C 25 28.78 3.63 13.89
C THR C 25 27.76 3.38 12.76
N ILE C 26 28.08 2.43 11.87
CA ILE C 26 27.21 2.04 10.76
C ILE C 26 26.84 0.56 10.86
N LEU C 27 25.62 0.21 10.41
CA LEU C 27 25.14 -1.17 10.42
C LEU C 27 25.08 -1.68 8.99
N ILE C 28 25.89 -2.72 8.71
CA ILE C 28 25.99 -3.31 7.38
C ILE C 28 25.37 -4.72 7.42
N LYS C 29 24.34 -4.94 6.62
CA LYS C 29 23.63 -6.23 6.55
C LYS C 29 24.06 -6.92 5.26
N VAL C 30 24.86 -8.00 5.39
CA VAL C 30 25.41 -8.73 4.24
C VAL C 30 24.87 -10.15 4.07
N GLU C 31 24.97 -10.66 2.83
CA GLU C 31 24.63 -12.01 2.41
C GLU C 31 25.84 -12.52 1.64
N TYR C 32 26.33 -13.72 2.00
CA TYR C 32 27.50 -14.32 1.35
C TYR C 32 27.12 -15.04 0.07
N LYS C 33 27.95 -14.89 -0.98
CA LYS C 33 27.74 -15.50 -2.30
C LYS C 33 28.50 -16.79 -2.55
N GLY C 34 29.43 -17.14 -1.65
CA GLY C 34 30.24 -18.34 -1.75
C GLY C 34 29.65 -19.57 -1.08
N GLU C 35 30.31 -20.72 -1.29
CA GLU C 35 29.91 -22.02 -0.74
C GLU C 35 31.01 -22.67 0.13
N ASP C 36 31.88 -21.84 0.72
CA ASP C 36 32.97 -22.27 1.60
C ASP C 36 32.72 -21.97 3.09
N ALA C 37 31.43 -21.86 3.49
CA ALA C 37 31.04 -21.62 4.87
C ALA C 37 31.15 -22.93 5.70
N PRO C 38 31.50 -22.90 7.00
CA PRO C 38 31.79 -21.73 7.86
C PRO C 38 33.11 -21.02 7.55
N CYS C 39 33.04 -19.68 7.39
CA CYS C 39 34.20 -18.84 7.10
C CYS C 39 34.15 -17.48 7.80
N LYS C 40 35.34 -16.91 8.10
CA LYS C 40 35.47 -15.61 8.77
C LYS C 40 35.35 -14.47 7.76
N ILE C 41 34.50 -13.47 8.06
CA ILE C 41 34.28 -12.31 7.19
C ILE C 41 35.49 -11.37 7.20
N PRO C 42 36.15 -11.19 6.04
CA PRO C 42 37.30 -10.28 5.98
C PRO C 42 36.82 -8.83 6.00
N PHE C 43 37.33 -8.06 6.96
CA PHE C 43 36.97 -6.65 7.13
C PHE C 43 38.20 -5.76 7.14
N SER C 44 38.15 -4.68 6.35
CA SER C 44 39.19 -3.67 6.25
C SER C 44 38.59 -2.35 5.80
N THR C 45 39.30 -1.25 6.05
CA THR C 45 38.89 0.10 5.67
C THR C 45 40.00 0.77 4.86
N GLU C 46 39.60 1.51 3.81
CA GLU C 46 40.51 2.21 2.91
C GLU C 46 40.16 3.68 2.81
N ASP C 47 41.11 4.52 2.35
CA ASP C 47 40.88 5.95 2.14
C ASP C 47 40.37 6.17 0.70
N GLY C 48 40.21 7.43 0.30
CA GLY C 48 39.75 7.82 -1.04
C GLY C 48 40.65 7.38 -2.19
N GLN C 49 41.88 6.92 -1.88
CA GLN C 49 42.87 6.45 -2.86
C GLN C 49 42.88 4.90 -2.93
N GLY C 50 42.31 4.24 -1.93
CA GLY C 50 42.26 2.80 -1.83
C GLY C 50 43.36 2.21 -0.97
N LYS C 51 44.07 3.07 -0.22
CA LYS C 51 45.15 2.68 0.68
C LYS C 51 44.58 2.39 2.07
N ALA C 52 45.20 1.43 2.80
CA ALA C 52 44.77 1.05 4.15
C ALA C 52 44.65 2.26 5.08
N HIS C 53 43.43 2.52 5.56
CA HIS C 53 43.10 3.64 6.44
C HIS C 53 42.17 3.14 7.53
N ASN C 54 42.76 2.72 8.65
CA ASN C 54 42.09 2.11 9.80
C ASN C 54 40.94 2.87 10.43
N GLY C 55 39.80 2.18 10.48
CA GLY C 55 38.59 2.62 11.15
C GLY C 55 38.52 1.83 12.44
N ARG C 56 37.41 1.10 12.66
CA ARG C 56 37.21 0.23 13.83
C ARG C 56 35.98 -0.66 13.65
N LEU C 57 36.22 -1.98 13.57
CA LEU C 57 35.19 -3.00 13.47
C LEU C 57 34.63 -3.25 14.88
N ILE C 58 33.32 -3.03 15.07
CA ILE C 58 32.64 -3.23 16.36
C ILE C 58 32.38 -4.71 16.59
N THR C 59 31.74 -5.40 15.61
CA THR C 59 31.43 -6.84 15.65
C THR C 59 32.69 -7.61 16.03
N ALA C 60 32.65 -8.34 17.17
CA ALA C 60 33.77 -9.08 17.73
C ALA C 60 34.41 -10.11 16.78
N ASN C 61 33.59 -11.00 16.18
CA ASN C 61 34.06 -12.03 15.27
C ASN C 61 33.03 -12.25 14.14
N PRO C 62 33.02 -11.40 13.09
CA PRO C 62 32.05 -11.60 12.00
C PRO C 62 32.36 -12.84 11.16
N VAL C 63 31.46 -13.83 11.20
CA VAL C 63 31.61 -15.11 10.48
C VAL C 63 30.33 -15.47 9.72
N VAL C 64 30.47 -16.23 8.62
CA VAL C 64 29.34 -16.73 7.84
C VAL C 64 29.15 -18.18 8.30
N THR C 65 28.03 -18.48 8.97
CA THR C 65 27.74 -19.84 9.41
C THR C 65 27.18 -20.64 8.24
N LYS C 66 26.25 -20.04 7.47
CA LYS C 66 25.62 -20.62 6.28
C LYS C 66 25.32 -19.54 5.22
N LYS C 67 25.23 -19.96 3.93
CA LYS C 67 24.94 -19.08 2.79
C LYS C 67 23.52 -18.53 2.87
N VAL C 71 24.51 -11.84 7.87
CA VAL C 71 25.33 -11.44 9.02
C VAL C 71 25.35 -9.89 9.13
N ASN C 72 25.10 -9.39 10.36
CA ASN C 72 25.08 -7.95 10.64
C ASN C 72 26.45 -7.49 11.12
N ILE C 73 27.05 -6.54 10.38
CA ILE C 73 28.37 -5.99 10.67
C ILE C 73 28.27 -4.54 11.14
N GLU C 74 28.71 -4.29 12.39
CA GLU C 74 28.74 -2.95 12.95
C GLU C 74 30.18 -2.44 12.92
N ALA C 75 30.37 -1.20 12.46
CA ALA C 75 31.70 -0.59 12.36
C ALA C 75 31.64 0.92 12.45
N GLU C 76 32.70 1.55 12.97
CA GLU C 76 32.75 3.01 12.99
C GLU C 76 33.65 3.47 11.84
N PRO C 77 33.08 4.14 10.82
CA PRO C 77 33.92 4.56 9.68
C PRO C 77 34.86 5.69 10.06
N PRO C 78 36.04 5.83 9.42
CA PRO C 78 36.90 6.97 9.73
C PRO C 78 36.24 8.27 9.25
N PHE C 79 36.59 9.42 9.85
CA PHE C 79 36.01 10.69 9.45
C PHE C 79 36.40 11.04 8.01
N GLY C 80 35.45 11.59 7.27
CA GLY C 80 35.63 11.96 5.87
C GLY C 80 35.29 10.84 4.91
N GLU C 81 36.05 10.75 3.81
CA GLU C 81 35.84 9.73 2.78
C GLU C 81 36.59 8.45 3.09
N SER C 82 35.89 7.31 2.99
CA SER C 82 36.46 5.99 3.21
C SER C 82 35.77 4.92 2.37
N ASN C 83 36.45 3.77 2.22
CA ASN C 83 35.92 2.60 1.53
C ASN C 83 35.88 1.44 2.53
N ILE C 84 34.66 1.00 2.89
CA ILE C 84 34.46 -0.10 3.83
C ILE C 84 34.50 -1.39 2.99
N VAL C 85 35.55 -2.19 3.18
CA VAL C 85 35.78 -3.41 2.39
C VAL C 85 35.31 -4.68 3.12
N ILE C 86 34.40 -5.42 2.48
CA ILE C 86 33.83 -6.69 2.96
C ILE C 86 34.31 -7.78 1.98
N GLY C 87 35.34 -8.50 2.38
CA GLY C 87 35.96 -9.55 1.56
C GLY C 87 37.36 -9.17 1.08
N ILE C 88 37.99 -10.05 0.27
CA ILE C 88 39.35 -9.83 -0.27
C ILE C 88 39.35 -9.91 -1.81
N GLY C 89 40.31 -9.23 -2.42
CA GLY C 89 40.56 -9.22 -3.87
C GLY C 89 39.67 -8.32 -4.68
N ASP C 90 39.61 -8.61 -6.00
CA ASP C 90 38.81 -7.87 -6.98
C ASP C 90 37.31 -8.12 -6.78
N LYS C 91 36.95 -9.27 -6.19
CA LYS C 91 35.57 -9.67 -5.88
C LYS C 91 34.95 -8.80 -4.79
N ALA C 92 35.72 -8.53 -3.70
CA ALA C 92 35.36 -7.77 -2.50
C ALA C 92 34.39 -6.61 -2.66
N LEU C 93 33.39 -6.54 -1.76
CA LEU C 93 32.39 -5.47 -1.73
C LEU C 93 33.02 -4.24 -1.06
N LYS C 94 33.12 -3.14 -1.82
CA LYS C 94 33.68 -1.87 -1.34
C LYS C 94 32.55 -0.85 -1.22
N ILE C 95 32.31 -0.40 0.01
CA ILE C 95 31.26 0.58 0.29
C ILE C 95 31.91 1.95 0.47
N ASN C 96 31.76 2.85 -0.52
CA ASN C 96 32.27 4.20 -0.41
C ASN C 96 31.36 4.93 0.58
N TRP C 97 31.95 5.42 1.67
CA TRP C 97 31.20 6.08 2.74
C TRP C 97 31.75 7.46 3.08
N TYR C 98 30.84 8.39 3.39
CA TYR C 98 31.19 9.74 3.81
C TYR C 98 30.68 10.00 5.22
N ARG C 99 31.61 10.22 6.16
CA ARG C 99 31.28 10.53 7.55
C ARG C 99 31.57 12.01 7.80
N LYS C 100 30.51 12.79 8.10
CA LYS C 100 30.60 14.22 8.37
C LYS C 100 31.32 14.50 9.71
N GLY C 101 31.86 15.71 9.85
CA GLY C 101 32.56 16.14 11.06
C GLY C 101 34.06 15.90 11.06
N PRO C 102 34.70 15.73 12.25
CA PRO C 102 34.13 15.72 13.62
C PRO C 102 33.54 17.06 14.07
N PHE C 103 32.55 16.99 14.97
CA PHE C 103 31.87 18.17 15.52
C PHE C 103 32.58 18.73 16.75
N ALA D 6 -47.16 -4.18 3.17
CA ALA D 6 -46.86 -2.88 3.75
C ALA D 6 -45.65 -2.22 3.08
N MET D 7 -45.70 -0.88 2.95
CA MET D 7 -44.64 -0.08 2.32
C MET D 7 -43.71 0.51 3.39
N CYS D 8 -42.42 0.70 3.03
CA CYS D 8 -41.41 1.27 3.93
C CYS D 8 -41.66 2.79 4.09
N LEU D 9 -41.83 3.26 5.33
CA LEU D 9 -42.08 4.69 5.56
C LEU D 9 -40.82 5.51 5.86
N ASN D 10 -39.87 4.92 6.60
CA ASN D 10 -38.61 5.58 6.95
C ASN D 10 -37.71 5.83 5.73
N THR D 11 -36.71 6.71 5.89
CA THR D 11 -35.76 7.06 4.82
C THR D 11 -34.71 5.97 4.54
N PHE D 12 -33.99 6.13 3.42
CA PHE D 12 -32.94 5.22 2.96
C PHE D 12 -31.64 5.99 2.77
N VAL D 13 -30.50 5.28 2.79
CA VAL D 13 -29.17 5.85 2.56
C VAL D 13 -28.45 5.09 1.46
N LEU D 14 -27.59 5.79 0.70
CA LEU D 14 -26.80 5.16 -0.36
C LEU D 14 -25.58 4.49 0.28
N LYS D 15 -25.46 3.16 0.12
CA LYS D 15 -24.33 2.38 0.65
C LYS D 15 -23.06 2.72 -0.15
N LYS D 16 -23.23 2.97 -1.46
CA LYS D 16 -22.17 3.30 -2.41
C LYS D 16 -22.68 4.26 -3.50
N GLU D 17 -21.75 4.72 -4.37
CA GLU D 17 -22.05 5.59 -5.51
C GLU D 17 -22.98 4.86 -6.48
N VAL D 18 -23.91 5.60 -7.10
CA VAL D 18 -24.86 5.05 -8.08
C VAL D 18 -24.08 4.58 -9.32
N SER D 19 -24.21 3.28 -9.66
CA SER D 19 -23.53 2.66 -10.80
C SER D 19 -24.36 2.83 -12.07
N GLU D 20 -23.71 3.17 -13.19
CA GLU D 20 -24.37 3.37 -14.49
C GLU D 20 -24.02 2.25 -15.46
N THR D 25 -29.46 1.44 -17.88
CA THR D 25 -30.01 1.30 -16.52
C THR D 25 -29.01 1.70 -15.46
N ILE D 26 -29.52 2.16 -14.29
CA ILE D 26 -28.69 2.55 -13.15
C ILE D 26 -28.89 1.61 -11.97
N LEU D 27 -27.81 1.34 -11.20
CA LEU D 27 -27.85 0.47 -10.03
C LEU D 27 -27.75 1.30 -8.75
N ILE D 28 -28.81 1.25 -7.95
CA ILE D 28 -28.91 1.98 -6.68
C ILE D 28 -28.78 0.99 -5.52
N LYS D 29 -27.79 1.21 -4.65
CA LYS D 29 -27.52 0.37 -3.49
C LYS D 29 -27.96 1.14 -2.25
N VAL D 30 -29.01 0.64 -1.57
CA VAL D 30 -29.59 1.31 -0.39
C VAL D 30 -29.57 0.49 0.90
N GLU D 31 -29.59 1.21 2.04
CA GLU D 31 -29.67 0.67 3.39
C GLU D 31 -30.87 1.34 4.06
N TYR D 32 -31.75 0.53 4.67
CA TYR D 32 -32.97 1.03 5.34
C TYR D 32 -32.68 1.52 6.75
N LYS D 33 -33.25 2.69 7.10
CA LYS D 33 -33.09 3.33 8.41
C LYS D 33 -34.23 3.06 9.40
N GLY D 34 -35.24 2.32 8.96
CA GLY D 34 -36.40 1.96 9.77
C GLY D 34 -36.34 0.60 10.41
N GLU D 35 -37.35 0.29 11.24
CA GLU D 35 -37.47 -0.98 11.97
C GLU D 35 -38.73 -1.76 11.58
N ASP D 36 -39.56 -1.20 10.67
CA ASP D 36 -40.81 -1.81 10.18
C ASP D 36 -40.60 -2.89 9.10
N ALA D 37 -39.44 -3.58 9.13
CA ALA D 37 -39.10 -4.67 8.21
C ALA D 37 -39.84 -5.96 8.61
N PRO D 38 -40.39 -6.75 7.67
CA PRO D 38 -40.36 -6.59 6.20
C PRO D 38 -41.34 -5.59 5.63
N CYS D 39 -40.88 -4.80 4.63
CA CYS D 39 -41.66 -3.78 3.94
C CYS D 39 -41.23 -3.60 2.48
N LYS D 40 -42.12 -3.06 1.63
CA LYS D 40 -41.85 -2.81 0.21
C LYS D 40 -41.21 -1.43 0.01
N ILE D 41 -40.10 -1.38 -0.76
CA ILE D 41 -39.37 -0.14 -1.04
C ILE D 41 -40.17 0.74 -2.03
N PRO D 42 -40.59 1.96 -1.63
CA PRO D 42 -41.35 2.81 -2.54
C PRO D 42 -40.46 3.46 -3.59
N PHE D 43 -40.87 3.38 -4.86
CA PHE D 43 -40.12 3.94 -5.98
C PHE D 43 -40.99 4.87 -6.83
N SER D 44 -40.43 6.03 -7.18
CA SER D 44 -41.05 7.06 -8.04
C SER D 44 -39.98 7.93 -8.68
N THR D 45 -40.28 8.49 -9.88
CA THR D 45 -39.37 9.36 -10.62
C THR D 45 -39.99 10.73 -10.86
N GLU D 46 -39.27 11.80 -10.49
CA GLU D 46 -39.68 13.19 -10.64
C GLU D 46 -38.83 13.91 -11.70
N ASP D 47 -39.32 15.04 -12.23
CA ASP D 47 -38.62 15.84 -13.25
C ASP D 47 -37.86 17.02 -12.63
N ARG D 56 -38.70 4.38 -15.02
CA ARG D 56 -39.14 2.99 -15.05
C ARG D 56 -38.32 2.12 -14.09
N LEU D 57 -39.01 1.32 -13.27
CA LEU D 57 -38.40 0.42 -12.29
C LEU D 57 -38.20 -0.99 -12.87
N ILE D 58 -36.94 -1.46 -12.92
CA ILE D 58 -36.57 -2.78 -13.44
C ILE D 58 -36.84 -3.87 -12.39
N THR D 59 -36.41 -3.63 -11.12
CA THR D 59 -36.62 -4.56 -10.00
C THR D 59 -38.13 -4.78 -9.76
N ALA D 60 -38.58 -6.04 -9.97
CA ALA D 60 -39.98 -6.48 -9.86
C ALA D 60 -40.67 -6.08 -8.57
N ASN D 61 -40.06 -6.41 -7.41
CA ASN D 61 -40.60 -6.10 -6.09
C ASN D 61 -39.48 -5.77 -5.10
N PRO D 62 -39.04 -4.48 -5.02
CA PRO D 62 -37.96 -4.14 -4.06
C PRO D 62 -38.48 -4.19 -2.63
N VAL D 63 -37.88 -5.07 -1.80
CA VAL D 63 -38.30 -5.30 -0.42
C VAL D 63 -37.10 -5.34 0.56
N VAL D 64 -37.30 -4.75 1.77
CA VAL D 64 -36.32 -4.76 2.86
C VAL D 64 -36.65 -6.02 3.68
N THR D 65 -35.71 -6.98 3.75
CA THR D 65 -35.92 -8.24 4.48
C THR D 65 -35.26 -8.20 5.86
N VAL D 71 -30.02 -4.03 -0.30
CA VAL D 71 -30.97 -4.33 -1.37
C VAL D 71 -30.61 -3.48 -2.60
N ASN D 72 -30.43 -4.14 -3.76
CA ASN D 72 -30.08 -3.50 -5.03
C ASN D 72 -31.31 -3.12 -5.83
N ILE D 73 -31.35 -1.84 -6.29
CA ILE D 73 -32.45 -1.30 -7.09
C ILE D 73 -31.96 -0.93 -8.49
N GLU D 74 -32.50 -1.64 -9.50
CA GLU D 74 -32.18 -1.37 -10.90
C GLU D 74 -33.31 -0.51 -11.48
N ALA D 75 -32.95 0.61 -12.11
CA ALA D 75 -33.92 1.54 -12.67
C ALA D 75 -33.47 2.15 -13.98
N GLU D 76 -34.44 2.39 -14.88
CA GLU D 76 -34.23 3.03 -16.17
C GLU D 76 -34.60 4.51 -15.99
N PRO D 77 -33.62 5.43 -15.84
CA PRO D 77 -33.98 6.84 -15.62
C PRO D 77 -34.42 7.57 -16.89
N PRO D 78 -35.34 8.56 -16.81
CA PRO D 78 -35.75 9.29 -18.02
C PRO D 78 -34.61 10.17 -18.56
N PHE D 79 -34.62 10.43 -19.88
CA PHE D 79 -33.60 11.24 -20.55
C PHE D 79 -33.58 12.68 -20.05
N GLY D 80 -32.38 13.18 -19.77
CA GLY D 80 -32.16 14.53 -19.25
C GLY D 80 -32.17 14.56 -17.73
N GLU D 81 -32.56 15.70 -17.15
CA GLU D 81 -32.62 15.88 -15.69
C GLU D 81 -33.82 15.17 -15.08
N SER D 82 -33.58 14.40 -14.01
CA SER D 82 -34.61 13.63 -13.28
C SER D 82 -34.24 13.42 -11.82
N ASN D 83 -35.27 13.21 -10.96
CA ASN D 83 -35.09 12.96 -9.54
C ASN D 83 -35.63 11.57 -9.17
N ILE D 84 -34.71 10.65 -8.86
CA ILE D 84 -35.03 9.27 -8.47
C ILE D 84 -35.40 9.30 -6.97
N VAL D 85 -36.66 8.99 -6.65
CA VAL D 85 -37.15 9.02 -5.27
C VAL D 85 -37.25 7.62 -4.64
N ILE D 86 -36.52 7.41 -3.53
CA ILE D 86 -36.50 6.18 -2.74
C ILE D 86 -37.14 6.51 -1.39
N GLY D 87 -38.33 5.96 -1.16
CA GLY D 87 -39.11 6.20 0.05
C GLY D 87 -40.19 7.24 -0.16
N ILE D 88 -41.02 7.49 0.88
CA ILE D 88 -42.10 8.48 0.83
C ILE D 88 -41.81 9.64 1.79
N ALA D 92 -37.68 11.10 2.54
CA ALA D 92 -37.42 10.29 1.34
C ALA D 92 -36.11 10.69 0.67
N LEU D 93 -35.35 9.69 0.19
CA LEU D 93 -34.08 9.92 -0.51
C LEU D 93 -34.35 10.31 -1.97
N LYS D 94 -33.92 11.51 -2.37
CA LYS D 94 -34.08 12.02 -3.72
C LYS D 94 -32.70 12.07 -4.40
N ILE D 95 -32.55 11.29 -5.48
CA ILE D 95 -31.29 11.22 -6.23
C ILE D 95 -31.43 12.03 -7.53
N ASN D 96 -30.78 13.21 -7.58
CA ASN D 96 -30.78 14.07 -8.76
C ASN D 96 -29.85 13.45 -9.79
N TRP D 97 -30.41 12.98 -10.91
CA TRP D 97 -29.69 12.30 -11.97
C TRP D 97 -29.87 12.94 -13.34
N TYR D 98 -28.81 12.89 -14.16
CA TYR D 98 -28.79 13.40 -15.53
C TYR D 98 -28.34 12.29 -16.49
N ARG D 99 -29.20 11.97 -17.48
CA ARG D 99 -28.93 10.95 -18.49
C ARG D 99 -28.64 11.61 -19.84
C1 EDO E . 22.85 -20.16 -18.08
O1 EDO E . 21.47 -20.53 -17.92
C2 EDO E . 23.38 -20.72 -19.40
O2 EDO E . 22.61 -20.21 -20.50
C1 EDO F . 16.00 0.94 -1.00
O1 EDO F . 14.59 1.07 -1.20
C2 EDO F . 16.74 1.86 -1.95
O2 EDO F . 16.58 1.44 -3.30
C1 GOL G . -4.63 -19.97 -4.11
O1 GOL G . -3.53 -20.90 -4.14
C2 GOL G . -5.26 -19.76 -5.50
O2 GOL G . -6.47 -19.01 -5.38
C3 GOL G . -5.56 -21.11 -6.17
O3 GOL G . -5.78 -20.90 -7.57
C1 GOL H . 20.84 -9.09 -1.51
O1 GOL H . 20.87 -7.78 -2.09
C2 GOL H . 20.06 -10.11 -2.36
O2 GOL H . 19.92 -9.71 -3.73
C3 GOL H . 20.70 -11.49 -2.26
O3 GOL H . 20.01 -12.39 -3.14
C1 GOL I . 3.48 -7.51 9.60
O1 GOL I . 2.42 -8.18 10.28
C2 GOL I . 3.17 -6.01 9.44
O2 GOL I . 3.08 -5.37 10.72
C3 GOL I . 1.90 -5.78 8.62
O3 GOL I . 1.70 -4.38 8.37
N1 EPE J . -4.09 -11.80 6.43
C2 EPE J . -3.54 -12.01 7.79
C3 EPE J . -3.57 -13.47 8.28
N4 EPE J . -4.69 -14.23 7.66
C5 EPE J . -4.49 -14.30 6.19
C6 EPE J . -3.94 -12.99 5.57
C7 EPE J . -4.67 -15.63 8.15
C8 EPE J . -4.84 -15.76 9.69
O8 EPE J . -5.79 -14.82 10.20
C9 EPE J . -3.23 -10.76 5.86
C10 EPE J . -3.94 -10.07 4.70
S EPE J . -3.28 -8.39 4.58
O1S EPE J . -1.97 -8.36 4.10
O2S EPE J . -3.69 -7.59 5.68
O3S EPE J . -4.10 -7.82 3.46
C1 GOL K . -25.14 3.19 6.63
O1 GOL K . -24.73 3.33 8.00
C2 GOL K . -24.72 4.40 5.79
O2 GOL K . -23.52 5.00 6.31
C3 GOL K . -24.47 3.96 4.35
O3 GOL K . -24.18 5.12 3.57
C1 EDO L . -1.93 -8.26 19.85
O1 EDO L . -1.11 -7.08 19.83
C2 EDO L . -3.36 -7.88 20.17
O2 EDO L . -3.42 -7.26 21.46
C1 EDO M . -27.67 11.41 21.87
O1 EDO M . -28.40 11.96 22.97
C2 EDO M . -27.01 10.10 22.29
O2 EDO M . -26.10 10.36 23.35
C1 GOL N . -8.21 -8.82 -2.35
O1 GOL N . -7.38 -7.78 -1.82
C2 GOL N . -9.17 -9.34 -1.26
O2 GOL N . -8.56 -10.39 -0.51
C3 GOL N . -10.47 -9.83 -1.88
O3 GOL N . -10.21 -10.91 -2.77
C1 EDO O . 18.05 2.56 6.28
O1 EDO O . 19.46 2.78 6.35
C2 EDO O . 17.72 1.18 6.83
O2 EDO O . 18.28 0.16 5.99
#